data_3UW3
#
_entry.id   3UW3
#
_cell.length_a   76.450
_cell.length_b   103.100
_cell.length_c   106.970
_cell.angle_alpha   90.000
_cell.angle_beta   90.000
_cell.angle_gamma   90.000
#
_symmetry.space_group_name_H-M   'P 21 21 21'
#
loop_
_entity.id
_entity.type
_entity.pdbx_description
1 polymer 'Aspartate-semialdehyde dehydrogenase'
2 non-polymer 1,2-ETHANEDIOL
3 water water
#
_entity_poly.entity_id   1
_entity_poly.type   'polypeptide(L)'
_entity_poly.pdbx_seq_one_letter_code
;GPGSMNVGLVGWRGMVGSVLMQRMQEEGDFDLIEPVFFSTSNAGGKAPSFAKNETTLKDATSIDDLKKCDVIITCQGGDY
TNDVFPKLRAAGWNGYWIDAASSLRMKDDAVIILDPVNLNVIKDALVNGTKNFIGGNCTVSLMLMALGGLFRENLVDWMT
AMTYQAASGAGAQNMRELLAQMGTLNGAVAAQLADPASAILDIDRRVLAAMNGDAMPTSQFGVPLAGSLIPWIDKDLGNG
MSREEWKGGAETNKILGKPAMGEPGSVPVDGLCVRIGAMRCHSQALTIKLKKDVPLDEINGILASANDWVKVVPNEREAS
MRDLSPAKVTGTLSVPVGRLRKLAMGGEYLSAFTVGDQLLWGAAEPLRRMLRILLDK
;
_entity_poly.pdbx_strand_id   A,B
#
loop_
_chem_comp.id
_chem_comp.type
_chem_comp.name
_chem_comp.formula
EDO non-polymer 1,2-ETHANEDIOL 'C2 H6 O2'
#
# COMPACT_ATOMS: atom_id res chain seq x y z
N GLY A 3 23.65 -33.03 -23.36
CA GLY A 3 23.24 -33.19 -21.92
C GLY A 3 24.42 -33.18 -20.97
N SER A 4 25.54 -32.60 -21.41
CA SER A 4 26.80 -32.69 -20.68
C SER A 4 27.28 -31.38 -20.07
N MET A 5 26.48 -30.30 -20.15
CA MET A 5 26.82 -29.05 -19.44
C MET A 5 26.79 -29.34 -17.95
N ASN A 6 27.90 -29.08 -17.25
CA ASN A 6 28.00 -29.30 -15.82
C ASN A 6 27.56 -28.01 -15.14
N VAL A 7 26.45 -28.08 -14.41
CA VAL A 7 25.81 -26.91 -13.81
C VAL A 7 25.82 -27.06 -12.29
N GLY A 8 26.55 -26.20 -11.64
CA GLY A 8 26.61 -26.18 -10.17
C GLY A 8 25.42 -25.45 -9.61
N LEU A 9 24.84 -26.00 -8.53
CA LEU A 9 23.71 -25.39 -7.82
C LEU A 9 24.16 -25.11 -6.40
N VAL A 10 24.11 -23.84 -5.99
CA VAL A 10 24.46 -23.44 -4.64
C VAL A 10 23.28 -22.71 -4.03
N GLY A 11 22.99 -22.99 -2.77
CA GLY A 11 21.87 -22.33 -2.11
C GLY A 11 20.54 -22.90 -2.52
N TRP A 12 20.57 -24.13 -3.04
CA TRP A 12 19.37 -24.82 -3.51
C TRP A 12 18.41 -25.25 -2.39
N ARG A 13 18.88 -25.31 -1.14
CA ARG A 13 18.05 -25.74 0.01
C ARG A 13 17.29 -24.58 0.67
N GLY A 14 17.69 -23.33 0.40
CA GLY A 14 17.01 -22.18 0.95
C GLY A 14 15.70 -21.90 0.25
N MET A 15 15.00 -20.83 0.65
CA MET A 15 13.68 -20.60 0.12
C MET A 15 13.66 -20.34 -1.39
N VAL A 16 14.48 -19.39 -1.86
CA VAL A 16 14.54 -19.09 -3.29
C VAL A 16 15.07 -20.29 -4.05
N GLY A 17 16.09 -20.95 -3.52
CA GLY A 17 16.62 -22.13 -4.15
C GLY A 17 15.61 -23.27 -4.27
N SER A 18 14.76 -23.41 -3.26
CA SER A 18 13.73 -24.46 -3.28
C SER A 18 12.66 -24.20 -4.32
N VAL A 19 12.30 -22.93 -4.51
CA VAL A 19 11.39 -22.57 -5.60
C VAL A 19 12.07 -22.87 -6.94
N LEU A 20 13.35 -22.49 -7.06
CA LEU A 20 14.11 -22.78 -8.26
C LEU A 20 14.13 -24.30 -8.54
N MET A 21 14.41 -25.13 -7.52
CA MET A 21 14.45 -26.57 -7.73
C MET A 21 13.13 -27.12 -8.22
N GLN A 22 12.04 -26.65 -7.64
CA GLN A 22 10.70 -27.10 -8.04
C GLN A 22 10.43 -26.74 -9.49
N ARG A 23 10.77 -25.52 -9.87
CA ARG A 23 10.56 -25.04 -11.23
C ARG A 23 11.42 -25.78 -12.24
N MET A 24 12.67 -26.04 -11.87
CA MET A 24 13.57 -26.80 -12.76
C MET A 24 13.04 -28.22 -12.97
N GLN A 25 12.51 -28.83 -11.92
CA GLN A 25 11.90 -30.16 -12.03
C GLN A 25 10.66 -30.13 -12.93
N GLU A 26 9.78 -29.15 -12.70
CA GLU A 26 8.53 -28.99 -13.48
C GLU A 26 8.79 -28.85 -14.97
N GLU A 27 9.87 -28.15 -15.32
CA GLU A 27 10.13 -27.80 -16.72
C GLU A 27 11.10 -28.77 -17.41
N GLY A 28 11.54 -29.79 -16.71
CA GLY A 28 12.45 -30.79 -17.27
C GLY A 28 13.87 -30.33 -17.44
N ASP A 29 14.28 -29.30 -16.69
CA ASP A 29 15.61 -28.73 -16.87
C ASP A 29 16.73 -29.71 -16.55
N PHE A 30 16.51 -30.61 -15.59
CA PHE A 30 17.58 -31.50 -15.16
C PHE A 30 17.89 -32.56 -16.22
N ASP A 31 16.94 -32.79 -17.12
CA ASP A 31 17.13 -33.72 -18.24
C ASP A 31 18.18 -33.23 -19.24
N LEU A 32 18.43 -31.92 -19.24
CA LEU A 32 19.25 -31.25 -20.23
C LEU A 32 20.70 -30.95 -19.76
N ILE A 33 20.98 -31.24 -18.49
CA ILE A 33 22.24 -30.85 -17.84
C ILE A 33 22.75 -31.97 -16.94
N GLU A 34 23.99 -31.83 -16.48
CA GLU A 34 24.52 -32.63 -15.38
C GLU A 34 24.59 -31.75 -14.15
N PRO A 35 23.62 -31.91 -13.24
CA PRO A 35 23.57 -31.02 -12.07
C PRO A 35 24.57 -31.45 -11.02
N VAL A 36 25.32 -30.48 -10.48
CA VAL A 36 26.29 -30.72 -9.41
C VAL A 36 25.83 -29.90 -8.21
N PHE A 37 25.43 -30.58 -7.14
CA PHE A 37 24.90 -29.90 -5.96
C PHE A 37 25.97 -29.62 -4.92
N PHE A 38 26.00 -28.37 -4.47
CA PHE A 38 26.99 -27.91 -3.52
C PHE A 38 26.35 -27.68 -2.17
N SER A 39 27.15 -27.79 -1.14
CA SER A 39 26.70 -27.69 0.25
C SER A 39 27.71 -26.91 1.08
N THR A 40 27.21 -26.07 1.99
CA THR A 40 28.05 -25.33 2.93
C THR A 40 28.29 -26.16 4.21
N SER A 41 27.38 -27.08 4.54
CA SER A 41 27.42 -27.80 5.80
C SER A 41 27.48 -29.32 5.68
N ASN A 42 27.20 -29.89 4.52
CA ASN A 42 27.19 -31.35 4.39
C ASN A 42 27.93 -31.84 3.14
N ALA A 43 29.06 -31.23 2.82
CA ALA A 43 29.89 -31.72 1.72
C ALA A 43 30.21 -33.17 1.96
N GLY A 44 30.14 -33.98 0.91
CA GLY A 44 30.31 -35.42 1.00
C GLY A 44 29.06 -36.22 1.31
N GLY A 45 27.99 -35.49 1.61
CA GLY A 45 26.70 -36.11 1.91
C GLY A 45 25.90 -36.40 0.66
N LYS A 46 24.68 -36.86 0.86
CA LYS A 46 23.80 -37.27 -0.22
C LYS A 46 23.15 -36.09 -0.96
N ALA A 47 23.39 -36.02 -2.28
CA ALA A 47 22.72 -35.03 -3.12
C ALA A 47 21.25 -35.36 -3.25
N PRO A 48 20.44 -34.34 -3.58
CA PRO A 48 19.02 -34.61 -3.81
C PRO A 48 18.82 -35.68 -4.88
N SER A 49 17.70 -36.41 -4.78
CA SER A 49 17.49 -37.59 -5.62
C SER A 49 17.28 -37.29 -7.10
N PHE A 50 17.07 -36.02 -7.44
CA PHE A 50 17.01 -35.60 -8.85
C PHE A 50 18.39 -35.19 -9.43
N ALA A 51 19.45 -35.37 -8.65
CA ALA A 51 20.79 -35.50 -9.22
C ALA A 51 20.81 -36.70 -10.16
N LYS A 52 21.81 -36.75 -11.03
CA LYS A 52 21.98 -37.86 -11.97
C LYS A 52 23.29 -38.59 -11.65
N ASN A 53 24.39 -38.26 -12.30
CA ASN A 53 25.66 -38.92 -12.00
C ASN A 53 26.42 -38.39 -10.78
N GLU A 54 26.10 -37.17 -10.34
CA GLU A 54 26.78 -36.57 -9.23
C GLU A 54 25.93 -36.68 -7.97
N THR A 55 26.02 -37.86 -7.33
CA THR A 55 25.13 -38.18 -6.20
C THR A 55 25.69 -37.76 -4.84
N THR A 56 26.90 -37.19 -4.81
CA THR A 56 27.51 -36.70 -3.60
C THR A 56 27.55 -35.16 -3.63
N LEU A 57 27.26 -34.53 -2.50
CA LEU A 57 27.34 -33.08 -2.38
C LEU A 57 28.78 -32.61 -2.46
N LYS A 58 29.03 -31.59 -3.27
CA LYS A 58 30.34 -30.96 -3.36
C LYS A 58 30.41 -29.83 -2.32
N ASP A 59 31.60 -29.30 -2.11
CA ASP A 59 31.86 -28.27 -1.11
C ASP A 59 31.68 -26.88 -1.72
N ALA A 60 30.69 -26.14 -1.23
CA ALA A 60 30.35 -24.81 -1.73
C ALA A 60 31.51 -23.82 -1.70
N THR A 61 32.50 -24.02 -0.83
CA THR A 61 33.63 -23.09 -0.83
C THR A 61 34.93 -23.70 -1.34
N SER A 62 34.85 -24.86 -2.01
CA SER A 62 35.99 -25.44 -2.68
C SER A 62 36.10 -24.85 -4.06
N ILE A 63 37.13 -24.02 -4.25
CA ILE A 63 37.38 -23.44 -5.56
C ILE A 63 37.63 -24.54 -6.59
N ASP A 64 38.37 -25.60 -6.21
CA ASP A 64 38.58 -26.73 -7.12
C ASP A 64 37.28 -27.40 -7.59
N ASP A 65 36.34 -27.64 -6.67
CA ASP A 65 35.05 -28.26 -7.03
C ASP A 65 34.26 -27.30 -7.95
N LEU A 66 34.24 -26.02 -7.59
CA LEU A 66 33.45 -25.01 -8.33
C LEU A 66 33.96 -24.81 -9.75
N LYS A 67 35.28 -24.81 -9.90
CA LYS A 67 35.91 -24.49 -11.20
C LYS A 67 35.61 -25.55 -12.27
N LYS A 68 35.18 -26.74 -11.85
CA LYS A 68 34.79 -27.81 -12.78
C LYS A 68 33.44 -27.58 -13.44
N CYS A 69 32.70 -26.58 -12.98
CA CYS A 69 31.38 -26.32 -13.55
C CYS A 69 31.45 -25.39 -14.75
N ASP A 70 30.64 -25.67 -15.75
CA ASP A 70 30.47 -24.78 -16.91
C ASP A 70 29.60 -23.57 -16.56
N VAL A 71 28.65 -23.76 -15.66
CA VAL A 71 27.69 -22.75 -15.23
C VAL A 71 27.51 -22.98 -13.73
N ILE A 72 27.41 -21.91 -12.94
CA ILE A 72 27.02 -21.99 -11.54
C ILE A 72 25.79 -21.13 -11.36
N ILE A 73 24.73 -21.71 -10.77
CA ILE A 73 23.54 -20.95 -10.42
C ILE A 73 23.49 -20.91 -8.91
N THR A 74 23.55 -19.71 -8.35
CA THR A 74 23.58 -19.53 -6.92
C THR A 74 22.43 -18.67 -6.41
N CYS A 75 21.76 -19.22 -5.39
CA CYS A 75 20.75 -18.55 -4.58
C CYS A 75 21.25 -18.39 -3.15
N GLN A 76 22.54 -18.55 -2.91
CA GLN A 76 23.10 -18.56 -1.56
C GLN A 76 23.21 -17.19 -0.91
N GLY A 77 23.33 -16.14 -1.70
CA GLY A 77 23.28 -14.77 -1.18
C GLY A 77 24.54 -13.99 -1.43
N GLY A 78 24.49 -12.69 -1.16
CA GLY A 78 25.62 -11.82 -1.45
C GLY A 78 26.90 -12.09 -0.69
N ASP A 79 26.83 -12.51 0.56
CA ASP A 79 28.04 -12.77 1.34
C ASP A 79 28.82 -13.93 0.70
N TYR A 80 28.09 -14.94 0.22
CA TYR A 80 28.69 -16.08 -0.46
C TYR A 80 29.34 -15.61 -1.77
N THR A 81 28.59 -14.86 -2.57
CA THR A 81 29.13 -14.37 -3.82
C THR A 81 30.40 -13.57 -3.59
N ASN A 82 30.38 -12.69 -2.59
CA ASN A 82 31.53 -11.83 -2.35
C ASN A 82 32.76 -12.60 -1.89
N ASP A 83 32.55 -13.75 -1.27
CA ASP A 83 33.65 -14.65 -0.90
C ASP A 83 34.18 -15.41 -2.11
N VAL A 84 33.37 -16.27 -2.70
CA VAL A 84 33.91 -17.21 -3.69
C VAL A 84 34.09 -16.64 -5.08
N PHE A 85 33.23 -15.72 -5.51
CA PHE A 85 33.28 -15.29 -6.91
C PHE A 85 34.62 -14.67 -7.29
N PRO A 86 35.14 -13.72 -6.49
CA PRO A 86 36.40 -13.12 -6.90
C PRO A 86 37.55 -14.13 -6.91
N LYS A 87 37.51 -15.12 -6.02
CA LYS A 87 38.53 -16.17 -5.99
C LYS A 87 38.44 -17.04 -7.24
N LEU A 88 37.20 -17.42 -7.59
CA LEU A 88 36.97 -18.26 -8.74
C LEU A 88 37.46 -17.58 -10.02
N ARG A 89 37.11 -16.32 -10.20
CA ARG A 89 37.55 -15.56 -11.38
C ARG A 89 39.08 -15.38 -11.40
N ALA A 90 39.65 -15.03 -10.24
CA ALA A 90 41.09 -14.80 -10.16
C ALA A 90 41.89 -16.07 -10.45
N ALA A 91 41.27 -17.25 -10.22
CA ALA A 91 41.86 -18.54 -10.49
C ALA A 91 41.71 -18.93 -11.97
N GLY A 92 41.09 -18.05 -12.76
CA GLY A 92 40.95 -18.24 -14.20
C GLY A 92 39.70 -18.95 -14.68
N TRP A 93 38.72 -19.10 -13.79
CA TRP A 93 37.45 -19.73 -14.19
C TRP A 93 36.73 -18.85 -15.15
N ASN A 94 36.33 -19.44 -16.28
CA ASN A 94 35.66 -18.65 -17.33
CA ASN A 94 35.70 -18.74 -17.40
C ASN A 94 34.26 -19.15 -17.65
N GLY A 95 33.64 -19.84 -16.69
CA GLY A 95 32.26 -20.29 -16.85
C GLY A 95 31.26 -19.16 -16.59
N TYR A 96 29.99 -19.51 -16.68
CA TYR A 96 28.90 -18.57 -16.50
C TYR A 96 28.42 -18.58 -15.06
N TRP A 97 28.27 -17.38 -14.50
CA TRP A 97 27.78 -17.18 -13.14
C TRP A 97 26.41 -16.56 -13.20
N ILE A 98 25.40 -17.29 -12.73
CA ILE A 98 24.00 -16.87 -12.70
C ILE A 98 23.64 -16.76 -11.22
N ASP A 99 23.21 -15.57 -10.79
CA ASP A 99 23.14 -15.24 -9.36
C ASP A 99 21.87 -14.45 -9.07
N ALA A 100 21.19 -14.77 -7.97
CA ALA A 100 20.04 -13.97 -7.53
C ALA A 100 20.43 -12.72 -6.76
N ALA A 101 21.65 -12.73 -6.21
CA ALA A 101 22.08 -11.69 -5.24
C ALA A 101 22.39 -10.37 -5.90
N SER A 102 22.28 -9.27 -5.14
CA SER A 102 22.50 -7.95 -5.66
C SER A 102 23.94 -7.58 -5.93
N SER A 103 24.86 -8.34 -5.33
CA SER A 103 26.29 -7.99 -5.30
CA SER A 103 26.26 -7.92 -5.28
C SER A 103 26.86 -7.52 -6.64
N LEU A 104 26.63 -8.31 -7.68
CA LEU A 104 27.29 -8.05 -8.97
C LEU A 104 26.42 -7.27 -9.97
N ARG A 105 25.22 -6.88 -9.57
CA ARG A 105 24.28 -6.35 -10.54
C ARG A 105 24.87 -5.19 -11.31
N MET A 106 25.62 -4.35 -10.60
CA MET A 106 25.99 -3.01 -11.21
C MET A 106 27.42 -3.02 -11.71
N LYS A 107 28.02 -4.20 -11.76
CA LYS A 107 29.36 -4.32 -12.29
C LYS A 107 29.32 -4.16 -13.78
N ASP A 108 30.36 -3.56 -14.36
CA ASP A 108 30.37 -3.31 -15.78
C ASP A 108 30.50 -4.56 -16.65
N ASP A 109 30.93 -5.68 -16.07
CA ASP A 109 31.00 -6.94 -16.83
C ASP A 109 29.90 -7.91 -16.39
N ALA A 110 28.79 -7.34 -15.90
CA ALA A 110 27.60 -8.16 -15.59
C ALA A 110 26.36 -7.56 -16.26
N VAL A 111 25.43 -8.44 -16.64
CA VAL A 111 24.12 -8.05 -17.17
C VAL A 111 23.06 -8.40 -16.13
N ILE A 112 22.07 -7.52 -15.95
CA ILE A 112 20.91 -7.85 -15.13
C ILE A 112 19.89 -8.50 -16.04
N ILE A 113 19.45 -9.70 -15.68
CA ILE A 113 18.66 -10.55 -16.58
C ILE A 113 17.16 -10.53 -16.26
N LEU A 114 16.38 -10.30 -17.32
CA LEU A 114 14.92 -10.40 -17.27
C LEU A 114 14.47 -10.65 -18.70
N ASP A 115 14.69 -11.88 -19.18
CA ASP A 115 14.63 -12.10 -20.62
C ASP A 115 13.32 -11.77 -21.37
N PRO A 116 12.13 -11.86 -20.71
CA PRO A 116 10.92 -11.42 -21.45
C PRO A 116 10.91 -9.92 -21.74
N VAL A 117 11.75 -9.17 -21.05
CA VAL A 117 11.94 -7.73 -21.21
C VAL A 117 13.23 -7.35 -21.96
N ASN A 118 14.33 -8.03 -21.68
CA ASN A 118 15.64 -7.67 -22.24
C ASN A 118 16.43 -8.77 -22.90
N LEU A 119 15.75 -9.70 -23.55
CA LEU A 119 16.43 -10.76 -24.29
C LEU A 119 17.53 -10.21 -25.20
N ASN A 120 17.27 -9.09 -25.88
CA ASN A 120 18.26 -8.45 -26.77
CA ASN A 120 18.28 -8.54 -26.78
C ASN A 120 19.54 -8.05 -26.05
N VAL A 121 19.37 -7.48 -24.86
CA VAL A 121 20.51 -7.07 -24.03
C VAL A 121 21.33 -8.29 -23.64
N ILE A 122 20.65 -9.37 -23.28
CA ILE A 122 21.31 -10.61 -22.88
C ILE A 122 22.06 -11.25 -24.04
N LYS A 123 21.40 -11.35 -25.20
CA LYS A 123 22.01 -12.00 -26.35
C LYS A 123 23.21 -11.20 -26.88
N ASP A 124 23.11 -9.89 -26.91
CA ASP A 124 24.23 -9.03 -27.30
C ASP A 124 25.40 -9.25 -26.34
N ALA A 125 25.10 -9.33 -25.03
CA ALA A 125 26.15 -9.51 -24.02
C ALA A 125 26.85 -10.84 -24.21
N LEU A 126 26.11 -11.91 -24.47
CA LEU A 126 26.73 -13.23 -24.72
C LEU A 126 27.71 -13.18 -25.86
N VAL A 127 27.31 -12.57 -26.98
CA VAL A 127 28.19 -12.45 -28.16
C VAL A 127 29.45 -11.67 -27.79
N ASN A 128 29.28 -10.67 -26.95
CA ASN A 128 30.41 -9.85 -26.57
CA ASN A 128 30.34 -9.79 -26.47
C ASN A 128 31.24 -10.43 -25.40
N GLY A 129 30.94 -11.67 -25.00
CA GLY A 129 31.80 -12.41 -24.05
C GLY A 129 31.46 -12.25 -22.58
N THR A 130 30.35 -11.61 -22.27
CA THR A 130 29.91 -11.45 -20.86
C THR A 130 29.61 -12.82 -20.26
N LYS A 131 30.03 -13.00 -19.01
CA LYS A 131 29.93 -14.29 -18.31
CA LYS A 131 29.92 -14.28 -18.31
C LYS A 131 29.11 -14.21 -17.01
N ASN A 132 28.66 -13.00 -16.64
CA ASN A 132 27.94 -12.79 -15.38
C ASN A 132 26.53 -12.28 -15.63
N PHE A 133 25.54 -13.04 -15.16
CA PHE A 133 24.11 -12.82 -15.47
C PHE A 133 23.37 -12.84 -14.14
N ILE A 134 22.89 -11.67 -13.72
CA ILE A 134 22.44 -11.48 -12.35
C ILE A 134 20.95 -11.10 -12.34
N GLY A 135 20.15 -11.78 -11.55
CA GLY A 135 18.75 -11.40 -11.44
C GLY A 135 18.62 -10.03 -10.79
N GLY A 136 17.58 -9.28 -11.20
CA GLY A 136 17.33 -7.96 -10.66
C GLY A 136 16.53 -7.99 -9.40
N ASN A 137 16.42 -6.83 -8.76
CA ASN A 137 15.60 -6.72 -7.59
C ASN A 137 14.16 -7.09 -7.91
N CYS A 138 13.50 -7.74 -6.97
CA CYS A 138 12.16 -8.22 -7.19
C CYS A 138 11.21 -7.12 -7.63
N THR A 139 11.29 -5.95 -7.01
CA THR A 139 10.39 -4.82 -7.33
C THR A 139 10.51 -4.41 -8.79
N VAL A 140 11.74 -4.25 -9.26
CA VAL A 140 11.99 -3.80 -10.62
C VAL A 140 11.59 -4.87 -11.62
N SER A 141 11.94 -6.12 -11.37
CA SER A 141 11.65 -7.24 -12.28
CA SER A 141 11.65 -7.19 -12.33
C SER A 141 10.14 -7.34 -12.46
N LEU A 142 9.42 -7.29 -11.35
CA LEU A 142 7.95 -7.41 -11.39
C LEU A 142 7.31 -6.21 -12.07
N MET A 143 7.86 -5.02 -11.84
CA MET A 143 7.33 -3.83 -12.49
C MET A 143 7.50 -3.94 -14.01
N LEU A 144 8.69 -4.36 -14.45
CA LEU A 144 9.01 -4.44 -15.88
C LEU A 144 8.26 -5.60 -16.56
N MET A 145 8.00 -6.69 -15.85
CA MET A 145 7.17 -7.76 -16.43
C MET A 145 5.78 -7.24 -16.83
N ALA A 146 5.27 -6.26 -16.07
CA ALA A 146 3.96 -5.69 -16.33
C ALA A 146 3.99 -4.49 -17.28
N LEU A 147 4.96 -3.60 -17.09
CA LEU A 147 4.98 -2.31 -17.78
CA LEU A 147 4.97 -2.31 -17.76
C LEU A 147 6.03 -2.19 -18.87
N GLY A 148 6.80 -3.25 -19.06
CA GLY A 148 7.89 -3.20 -19.99
C GLY A 148 7.55 -2.78 -21.41
N GLY A 149 6.34 -3.08 -21.87
CA GLY A 149 5.94 -2.64 -23.19
C GLY A 149 6.09 -1.15 -23.42
N LEU A 150 5.72 -0.35 -22.42
CA LEU A 150 5.81 1.11 -22.56
C LEU A 150 7.27 1.56 -22.64
N PHE A 151 8.13 0.94 -21.85
CA PHE A 151 9.57 1.23 -21.89
C PHE A 151 10.19 0.83 -23.22
N ARG A 152 9.82 -0.34 -23.74
CA ARG A 152 10.39 -0.83 -24.96
CA ARG A 152 10.29 -0.89 -25.02
C ARG A 152 10.00 0.06 -26.17
N GLU A 153 8.85 0.72 -26.11
CA GLU A 153 8.38 1.67 -27.11
C GLU A 153 8.91 3.09 -26.86
N ASN A 154 9.79 3.26 -25.86
CA ASN A 154 10.37 4.56 -25.54
CA ASN A 154 10.38 4.54 -25.46
C ASN A 154 9.31 5.62 -25.23
N LEU A 155 8.26 5.23 -24.51
CA LEU A 155 7.16 6.14 -24.25
C LEU A 155 7.17 6.76 -22.86
N VAL A 156 8.04 6.28 -21.99
CA VAL A 156 8.04 6.73 -20.58
C VAL A 156 9.01 7.89 -20.36
N ASP A 157 8.47 9.01 -19.87
CA ASP A 157 9.26 10.16 -19.44
CA ASP A 157 9.31 10.15 -19.44
C ASP A 157 9.83 9.91 -18.02
N TRP A 158 8.93 9.52 -17.12
CA TRP A 158 9.32 9.17 -15.76
C TRP A 158 8.21 8.38 -15.09
N MET A 159 8.53 7.74 -13.97
CA MET A 159 7.54 6.92 -13.22
C MET A 159 7.85 7.04 -11.73
N THR A 160 6.80 7.25 -10.93
CA THR A 160 6.91 6.99 -9.48
C THR A 160 6.14 5.72 -9.12
N ALA A 161 6.72 4.96 -8.23
CA ALA A 161 6.16 3.68 -7.78
C ALA A 161 6.03 3.71 -6.28
N MET A 162 4.81 3.54 -5.80
CA MET A 162 4.54 3.37 -4.38
C MET A 162 4.21 1.90 -4.17
N THR A 163 5.01 1.21 -3.37
CA THR A 163 4.90 -0.26 -3.33
C THR A 163 4.20 -0.78 -2.10
N TYR A 164 3.76 -2.02 -2.23
CA TYR A 164 3.03 -2.75 -1.21
C TYR A 164 3.73 -4.12 -1.16
N GLN A 165 4.80 -4.23 -0.39
CA GLN A 165 5.71 -5.35 -0.51
C GLN A 165 5.48 -6.45 0.54
N ALA A 166 5.64 -7.67 0.07
CA ALA A 166 5.45 -8.86 0.88
C ALA A 166 6.63 -9.20 1.76
N ALA A 167 6.33 -10.07 2.75
CA ALA A 167 7.33 -10.54 3.69
C ALA A 167 8.43 -11.41 3.07
N SER A 168 8.15 -12.10 1.98
CA SER A 168 9.11 -13.06 1.42
C SER A 168 10.40 -12.39 0.98
N GLY A 169 10.32 -11.13 0.56
CA GLY A 169 11.51 -10.38 0.19
C GLY A 169 12.52 -10.26 1.33
N ALA A 170 12.03 -10.26 2.56
CA ALA A 170 12.89 -10.22 3.75
C ALA A 170 13.38 -11.59 4.20
N GLY A 171 12.61 -12.64 3.90
CA GLY A 171 13.04 -14.01 4.11
C GLY A 171 12.02 -14.87 4.83
N ALA A 172 12.34 -16.15 4.95
CA ALA A 172 11.43 -17.12 5.50
C ALA A 172 11.05 -16.81 6.92
N GLN A 173 12.01 -16.40 7.75
CA GLN A 173 11.72 -16.11 9.15
C GLN A 173 10.81 -14.89 9.28
N ASN A 174 10.89 -13.96 8.33
CA ASN A 174 9.98 -12.83 8.31
C ASN A 174 8.55 -13.22 7.95
N MET A 175 8.38 -14.13 6.99
CA MET A 175 7.06 -14.69 6.68
C MET A 175 6.43 -15.36 7.90
N ARG A 176 7.22 -16.16 8.59
CA ARG A 176 6.75 -16.84 9.80
C ARG A 176 6.33 -15.83 10.84
N GLU A 177 7.12 -14.76 11.03
CA GLU A 177 6.75 -13.72 12.00
C GLU A 177 5.46 -13.02 11.63
N LEU A 178 5.27 -12.73 10.36
CA LEU A 178 4.01 -12.12 9.93
C LEU A 178 2.80 -13.00 10.35
N LEU A 179 2.91 -14.29 10.09
CA LEU A 179 1.86 -15.24 10.42
C LEU A 179 1.66 -15.38 11.94
N ALA A 180 2.75 -15.41 12.69
CA ALA A 180 2.66 -15.40 14.16
C ALA A 180 1.96 -14.15 14.68
N GLN A 181 2.30 -13.00 14.08
CA GLN A 181 1.66 -11.74 14.45
C GLN A 181 0.15 -11.77 14.20
N MET A 182 -0.26 -12.37 13.08
CA MET A 182 -1.69 -12.53 12.81
C MET A 182 -2.37 -13.34 13.92
N GLY A 183 -1.68 -14.35 14.43
CA GLY A 183 -2.15 -15.13 15.58
C GLY A 183 -2.30 -14.30 16.85
N THR A 184 -1.32 -13.44 17.12
CA THR A 184 -1.35 -12.57 18.29
C THR A 184 -2.57 -11.67 18.24
N LEU A 185 -2.81 -11.05 17.08
CA LEU A 185 -3.92 -10.12 16.95
C LEU A 185 -5.28 -10.83 17.03
N ASN A 186 -5.45 -11.89 16.26
CA ASN A 186 -6.70 -12.64 16.33
C ASN A 186 -6.90 -13.26 17.69
N GLY A 187 -5.83 -13.80 18.28
CA GLY A 187 -5.94 -14.48 19.56
C GLY A 187 -6.40 -13.57 20.68
N ALA A 188 -6.10 -12.27 20.57
CA ALA A 188 -6.47 -11.31 21.61
C ALA A 188 -7.98 -11.08 21.66
N VAL A 189 -8.67 -11.42 20.57
CA VAL A 189 -10.09 -11.14 20.44
C VAL A 189 -10.97 -12.29 19.94
N ALA A 190 -10.44 -13.52 19.94
CA ALA A 190 -11.17 -14.62 19.32
C ALA A 190 -12.54 -14.83 19.98
N ALA A 191 -12.59 -14.76 21.30
CA ALA A 191 -13.85 -14.91 22.04
C ALA A 191 -14.84 -13.83 21.65
N GLN A 192 -14.34 -12.58 21.55
CA GLN A 192 -15.19 -11.45 21.21
C GLN A 192 -15.69 -11.58 19.78
N LEU A 193 -14.84 -12.04 18.88
CA LEU A 193 -15.29 -12.19 17.50
C LEU A 193 -16.41 -13.22 17.36
N ALA A 194 -16.36 -14.27 18.18
CA ALA A 194 -17.37 -15.32 18.12
C ALA A 194 -18.69 -14.92 18.79
N ASP A 195 -18.69 -13.77 19.49
CA ASP A 195 -19.90 -13.24 20.17
C ASP A 195 -20.47 -12.10 19.32
N PRO A 196 -21.61 -12.33 18.64
CA PRO A 196 -22.13 -11.26 17.78
C PRO A 196 -22.44 -9.96 18.53
N ALA A 197 -22.70 -10.04 19.84
CA ALA A 197 -23.06 -8.85 20.64
C ALA A 197 -21.87 -8.06 21.21
N SER A 198 -20.64 -8.46 20.91
CA SER A 198 -19.48 -7.76 21.49
C SER A 198 -19.30 -6.38 20.83
N ALA A 199 -18.61 -5.49 21.53
CA ALA A 199 -18.48 -4.10 21.11
C ALA A 199 -17.23 -3.92 20.28
N ILE A 200 -17.39 -3.28 19.12
CA ILE A 200 -16.26 -3.10 18.21
C ILE A 200 -15.12 -2.26 18.80
N LEU A 201 -15.44 -1.25 19.61
CA LEU A 201 -14.35 -0.45 20.20
C LEU A 201 -13.56 -1.22 21.27
N ASP A 202 -14.19 -2.22 21.89
CA ASP A 202 -13.49 -3.14 22.81
C ASP A 202 -12.55 -4.04 22.01
N ILE A 203 -13.05 -4.61 20.91
CA ILE A 203 -12.23 -5.42 20.03
C ILE A 203 -11.03 -4.59 19.55
N ASP A 204 -11.30 -3.38 19.10
CA ASP A 204 -10.25 -2.51 18.57
C ASP A 204 -9.18 -2.21 19.64
N ARG A 205 -9.62 -1.88 20.84
CA ARG A 205 -8.72 -1.62 21.97
C ARG A 205 -7.80 -2.81 22.24
N ARG A 206 -8.42 -3.99 22.29
CA ARG A 206 -7.69 -5.23 22.56
C ARG A 206 -6.67 -5.57 21.47
N VAL A 207 -7.04 -5.38 20.22
CA VAL A 207 -6.11 -5.61 19.14
C VAL A 207 -4.90 -4.67 19.20
N LEU A 208 -5.12 -3.38 19.47
CA LEU A 208 -4.00 -2.43 19.56
C LEU A 208 -3.09 -2.77 20.76
N ALA A 209 -3.68 -3.14 21.91
CA ALA A 209 -2.89 -3.52 23.07
C ALA A 209 -2.03 -4.75 22.76
N ALA A 210 -2.57 -5.71 22.03
CA ALA A 210 -1.79 -6.88 21.64
C ALA A 210 -0.68 -6.51 20.66
N MET A 211 -1.01 -5.68 19.70
CA MET A 211 -0.10 -5.27 18.65
C MET A 211 1.15 -4.62 19.22
N ASN A 212 0.96 -3.73 20.20
CA ASN A 212 2.05 -2.94 20.77
C ASN A 212 2.59 -3.50 22.07
N GLY A 213 2.02 -4.62 22.51
CA GLY A 213 2.50 -5.31 23.71
C GLY A 213 3.75 -6.16 23.50
N ASP A 214 4.33 -6.56 24.63
CA ASP A 214 5.59 -7.30 24.60
C ASP A 214 5.46 -8.68 23.94
N ALA A 215 4.29 -9.29 24.01
CA ALA A 215 4.08 -10.62 23.41
C ALA A 215 4.00 -10.64 21.88
N MET A 216 3.76 -9.50 21.24
CA MET A 216 3.78 -9.44 19.77
C MET A 216 5.19 -9.78 19.27
N PRO A 217 5.34 -10.78 18.40
CA PRO A 217 6.70 -11.15 17.97
C PRO A 217 7.21 -10.19 16.92
N THR A 218 8.25 -9.44 17.27
CA THR A 218 8.78 -8.42 16.36
C THR A 218 10.28 -8.47 16.17
N SER A 219 10.93 -9.58 16.52
CA SER A 219 12.39 -9.64 16.37
C SER A 219 12.86 -9.57 14.91
N GLN A 220 12.04 -10.03 13.96
CA GLN A 220 12.47 -10.05 12.56
C GLN A 220 12.25 -8.72 11.87
N PHE A 221 11.07 -8.12 12.04
CA PHE A 221 10.78 -6.85 11.37
C PHE A 221 11.17 -5.64 12.19
N GLY A 222 11.29 -5.82 13.50
CA GLY A 222 11.57 -4.70 14.40
C GLY A 222 10.36 -4.00 14.97
N VAL A 223 9.24 -4.14 14.25
CA VAL A 223 7.99 -3.47 14.55
C VAL A 223 6.85 -4.37 14.03
N PRO A 224 5.62 -4.08 14.40
CA PRO A 224 4.50 -4.87 13.84
C PRO A 224 4.37 -4.73 12.34
N LEU A 225 4.01 -5.83 11.67
CA LEU A 225 3.63 -5.83 10.27
C LEU A 225 2.13 -6.16 10.13
N ALA A 226 1.68 -7.29 10.73
CA ALA A 226 0.27 -7.60 10.73
C ALA A 226 -0.51 -6.45 11.32
N GLY A 227 -1.56 -6.02 10.63
CA GLY A 227 -2.35 -4.89 11.09
C GLY A 227 -1.71 -3.53 10.87
N SER A 228 -0.56 -3.49 10.19
CA SER A 228 0.18 -2.23 10.07
C SER A 228 0.89 -2.19 8.72
N LEU A 229 1.91 -1.35 8.63
CA LEU A 229 2.78 -1.29 7.45
C LEU A 229 4.10 -0.70 7.91
N ILE A 230 5.12 -0.81 7.07
CA ILE A 230 6.45 -0.36 7.46
C ILE A 230 7.01 0.41 6.26
N PRO A 231 7.03 1.76 6.36
CA PRO A 231 7.43 2.58 5.19
C PRO A 231 8.95 2.80 5.01
N TRP A 232 9.70 1.73 5.21
CA TRP A 232 11.14 1.72 4.92
C TRP A 232 11.57 0.30 4.73
N ILE A 233 12.25 0.04 3.62
CA ILE A 233 12.80 -1.29 3.31
C ILE A 233 14.27 -1.14 2.95
N ASP A 234 15.09 -1.96 3.60
CA ASP A 234 16.55 -2.06 3.36
C ASP A 234 17.29 -0.81 3.90
N LYS A 235 18.58 -0.73 3.60
CA LYS A 235 19.49 0.19 4.23
C LYS A 235 19.08 1.66 4.08
N ASP A 236 19.35 2.47 5.08
CA ASP A 236 19.21 3.90 5.00
C ASP A 236 20.43 4.50 4.30
N LEU A 237 20.23 5.13 3.14
CA LEU A 237 21.36 5.72 2.41
C LEU A 237 21.74 7.09 2.94
N GLY A 238 21.06 7.59 3.96
CA GLY A 238 21.44 8.84 4.63
C GLY A 238 20.97 10.13 4.00
N ASN A 239 20.15 10.01 2.96
CA ASN A 239 19.69 11.12 2.15
C ASN A 239 18.20 11.06 1.96
N GLY A 240 17.52 10.36 2.86
CA GLY A 240 16.06 10.24 2.77
C GLY A 240 15.56 9.17 1.82
N MET A 241 16.47 8.39 1.26
CA MET A 241 16.15 7.28 0.34
C MET A 241 16.62 5.97 0.96
N SER A 242 15.80 4.93 0.84
CA SER A 242 16.22 3.57 1.17
C SER A 242 16.94 2.92 0.02
N ARG A 243 17.72 1.89 0.34
CA ARG A 243 18.38 1.15 -0.73
C ARG A 243 17.38 0.51 -1.68
N GLU A 244 16.22 0.09 -1.15
CA GLU A 244 15.21 -0.55 -2.01
C GLU A 244 14.71 0.44 -3.05
N GLU A 245 14.50 1.69 -2.64
CA GLU A 245 14.04 2.73 -3.56
C GLU A 245 15.08 3.09 -4.60
N TRP A 246 16.35 3.10 -4.19
CA TRP A 246 17.44 3.40 -5.09
C TRP A 246 17.51 2.39 -6.21
N LYS A 247 17.23 1.13 -5.91
CA LYS A 247 17.29 0.07 -6.93
CA LYS A 247 17.34 0.11 -6.94
C LYS A 247 16.37 0.36 -8.11
N GLY A 248 15.25 1.02 -7.88
CA GLY A 248 14.31 1.31 -8.96
C GLY A 248 14.92 1.95 -10.18
N GLY A 249 15.57 3.08 -9.99
CA GLY A 249 16.16 3.80 -11.09
C GLY A 249 17.40 3.10 -11.59
N ALA A 250 18.22 2.62 -10.67
CA ALA A 250 19.48 2.03 -11.07
C ALA A 250 19.25 0.82 -11.95
N GLU A 251 18.41 -0.09 -11.47
CA GLU A 251 18.26 -1.36 -12.15
C GLU A 251 17.34 -1.27 -13.33
N THR A 252 16.31 -0.42 -13.31
CA THR A 252 15.47 -0.27 -14.50
C THR A 252 16.30 0.14 -15.69
N ASN A 253 17.13 1.16 -15.53
CA ASN A 253 17.94 1.63 -16.62
C ASN A 253 18.95 0.58 -17.07
N LYS A 254 19.56 -0.13 -16.15
CA LYS A 254 20.53 -1.15 -16.57
C LYS A 254 19.89 -2.36 -17.25
N ILE A 255 18.74 -2.81 -16.78
CA ILE A 255 18.06 -3.94 -17.44
C ILE A 255 17.77 -3.57 -18.89
N LEU A 256 17.32 -2.34 -19.12
CA LEU A 256 16.89 -1.91 -20.44
C LEU A 256 18.00 -1.50 -21.37
N GLY A 257 19.24 -1.45 -20.87
CA GLY A 257 20.38 -1.09 -21.70
C GLY A 257 20.49 0.40 -21.91
N LYS A 258 19.92 1.18 -21.01
CA LYS A 258 19.93 2.63 -21.09
C LYS A 258 21.11 3.21 -20.33
N PRO A 259 21.42 4.50 -20.58
CA PRO A 259 22.44 5.11 -19.75
C PRO A 259 22.10 5.03 -18.26
N ALA A 260 23.14 5.02 -17.44
CA ALA A 260 23.00 4.93 -16.01
C ALA A 260 22.06 5.99 -15.45
N MET A 261 21.29 5.57 -14.43
CA MET A 261 20.37 6.46 -13.74
C MET A 261 21.05 7.79 -13.43
N GLY A 262 20.39 8.86 -13.83
CA GLY A 262 20.89 10.22 -13.65
C GLY A 262 21.63 10.81 -14.84
N GLU A 263 22.00 9.98 -15.82
CA GLU A 263 22.69 10.44 -17.04
C GLU A 263 21.69 10.76 -18.13
N PRO A 264 22.08 11.60 -19.10
CA PRO A 264 21.18 11.87 -20.23
C PRO A 264 20.73 10.60 -20.94
N GLY A 265 19.43 10.49 -21.20
CA GLY A 265 18.83 9.32 -21.83
C GLY A 265 18.31 8.27 -20.88
N SER A 266 18.63 8.39 -19.59
CA SER A 266 18.05 7.49 -18.58
C SER A 266 16.62 7.90 -18.28
N VAL A 267 15.84 6.93 -17.82
CA VAL A 267 14.46 7.19 -17.42
CA VAL A 267 14.46 7.19 -17.42
C VAL A 267 14.39 7.24 -15.88
N PRO A 268 13.92 8.37 -15.32
CA PRO A 268 13.80 8.39 -13.86
C PRO A 268 12.70 7.48 -13.34
N VAL A 269 13.05 6.60 -12.42
CA VAL A 269 12.09 5.75 -11.72
C VAL A 269 12.41 5.96 -10.24
N ASP A 270 11.42 6.32 -9.45
CA ASP A 270 11.64 6.68 -8.06
C ASP A 270 10.34 6.41 -7.30
N GLY A 271 10.36 6.54 -6.00
CA GLY A 271 9.15 6.37 -5.21
C GLY A 271 9.47 5.87 -3.83
N LEU A 272 8.47 5.30 -3.17
CA LEU A 272 8.56 4.87 -1.79
C LEU A 272 8.22 3.38 -1.72
N CYS A 273 9.03 2.66 -0.96
CA CYS A 273 8.88 1.19 -0.84
C CYS A 273 8.40 0.86 0.56
N VAL A 274 7.22 0.27 0.64
CA VAL A 274 6.49 0.08 1.89
C VAL A 274 6.14 -1.40 2.04
N ARG A 275 6.45 -1.96 3.20
CA ARG A 275 6.10 -3.36 3.51
C ARG A 275 4.65 -3.43 4.05
N ILE A 276 3.89 -4.38 3.53
CA ILE A 276 2.57 -4.72 4.06
C ILE A 276 2.51 -6.20 4.42
N GLY A 277 1.40 -6.57 5.07
CA GLY A 277 1.24 -7.97 5.54
C GLY A 277 0.81 -9.01 4.53
N ALA A 278 1.58 -9.20 3.47
CA ALA A 278 1.36 -10.23 2.46
C ALA A 278 2.50 -11.22 2.51
N MET A 279 2.23 -12.45 2.08
CA MET A 279 3.27 -13.48 2.12
C MET A 279 4.34 -13.37 1.07
N ARG A 280 3.95 -13.38 -0.21
CA ARG A 280 4.94 -13.48 -1.25
C ARG A 280 4.63 -12.77 -2.57
N CYS A 281 3.61 -11.91 -2.62
CA CYS A 281 3.36 -11.06 -3.80
C CYS A 281 3.63 -9.60 -3.47
N HIS A 282 4.34 -8.93 -4.38
CA HIS A 282 4.54 -7.49 -4.28
C HIS A 282 3.56 -6.83 -5.16
N SER A 283 2.96 -5.72 -4.72
CA SER A 283 2.09 -4.93 -5.54
C SER A 283 2.67 -3.51 -5.63
N GLN A 284 2.31 -2.79 -6.69
CA GLN A 284 2.86 -1.45 -6.92
C GLN A 284 1.82 -0.56 -7.57
N ALA A 285 1.72 0.67 -7.08
CA ALA A 285 0.80 1.71 -7.60
C ALA A 285 1.69 2.75 -8.27
N LEU A 286 1.47 2.98 -9.57
CA LEU A 286 2.35 3.79 -10.37
CA LEU A 286 2.35 3.80 -10.38
C LEU A 286 1.68 5.07 -10.90
N THR A 287 2.46 6.18 -10.87
CA THR A 287 2.16 7.41 -11.61
C THR A 287 3.19 7.46 -12.73
N ILE A 288 2.72 7.43 -13.98
CA ILE A 288 3.60 7.33 -15.15
C ILE A 288 3.38 8.56 -16.00
N LYS A 289 4.44 9.30 -16.31
CA LYS A 289 4.33 10.37 -17.32
C LYS A 289 4.85 9.82 -18.62
N LEU A 290 3.99 9.84 -19.62
CA LEU A 290 4.36 9.44 -20.96
C LEU A 290 4.87 10.63 -21.77
N LYS A 291 5.61 10.32 -22.83
CA LYS A 291 6.21 11.36 -23.70
CA LYS A 291 6.21 11.38 -23.66
C LYS A 291 5.18 11.99 -24.62
N LYS A 292 4.04 11.33 -24.76
CA LYS A 292 2.96 11.88 -25.55
C LYS A 292 1.62 11.32 -25.11
N ASP A 293 0.55 11.87 -25.64
CA ASP A 293 -0.78 11.50 -25.22
C ASP A 293 -1.22 10.30 -26.06
N VAL A 294 -1.03 9.10 -25.52
CA VAL A 294 -1.30 7.86 -26.22
C VAL A 294 -2.70 7.41 -25.82
N PRO A 295 -3.55 7.02 -26.79
CA PRO A 295 -4.88 6.51 -26.42
C PRO A 295 -4.80 5.28 -25.52
N LEU A 296 -5.74 5.20 -24.60
CA LEU A 296 -5.78 4.08 -23.66
C LEU A 296 -5.83 2.71 -24.35
N ASP A 297 -6.58 2.57 -25.45
CA ASP A 297 -6.59 1.27 -26.16
C ASP A 297 -5.21 0.91 -26.66
N GLU A 298 -4.46 1.90 -27.13
CA GLU A 298 -3.11 1.65 -27.65
C GLU A 298 -2.18 1.26 -26.49
N ILE A 299 -2.30 1.96 -25.36
CA ILE A 299 -1.55 1.60 -24.16
C ILE A 299 -1.84 0.15 -23.77
N ASN A 300 -3.12 -0.22 -23.73
CA ASN A 300 -3.49 -1.59 -23.33
C ASN A 300 -2.86 -2.63 -24.25
N GLY A 301 -2.88 -2.37 -25.56
CA GLY A 301 -2.30 -3.28 -26.54
C GLY A 301 -0.79 -3.37 -26.38
N ILE A 302 -0.12 -2.23 -26.17
CA ILE A 302 1.33 -2.25 -25.96
C ILE A 302 1.69 -3.06 -24.71
N LEU A 303 0.96 -2.87 -23.62
CA LEU A 303 1.26 -3.63 -22.39
C LEU A 303 0.98 -5.11 -22.58
N ALA A 304 -0.18 -5.47 -23.13
CA ALA A 304 -0.59 -6.88 -23.26
C ALA A 304 0.28 -7.67 -24.20
N SER A 305 0.83 -7.01 -25.20
CA SER A 305 1.56 -7.74 -26.23
CA SER A 305 1.61 -7.63 -26.28
C SER A 305 3.05 -7.91 -25.90
N ALA A 306 3.49 -7.42 -24.75
CA ALA A 306 4.92 -7.36 -24.46
C ALA A 306 5.55 -8.71 -24.15
N ASN A 307 4.80 -9.57 -23.49
CA ASN A 307 5.32 -10.88 -23.10
C ASN A 307 4.16 -11.82 -22.78
N ASP A 308 4.50 -13.10 -22.57
CA ASP A 308 3.50 -14.15 -22.41
C ASP A 308 2.88 -14.25 -21.01
N TRP A 309 3.32 -13.41 -20.07
CA TRP A 309 2.87 -13.51 -18.68
C TRP A 309 2.10 -12.34 -18.18
N VAL A 310 2.33 -11.15 -18.74
CA VAL A 310 1.53 -9.99 -18.37
C VAL A 310 0.05 -10.26 -18.70
N LYS A 311 -0.83 -9.76 -17.84
CA LYS A 311 -2.28 -9.87 -18.04
C LYS A 311 -2.89 -8.52 -17.73
N VAL A 312 -3.53 -7.87 -18.70
CA VAL A 312 -4.20 -6.63 -18.41
C VAL A 312 -5.56 -6.95 -17.82
N VAL A 313 -5.85 -6.35 -16.66
CA VAL A 313 -7.12 -6.53 -15.96
C VAL A 313 -8.02 -5.34 -16.28
N PRO A 314 -9.18 -5.56 -16.91
CA PRO A 314 -10.09 -4.45 -17.19
C PRO A 314 -10.31 -3.58 -15.97
N ASN A 315 -10.37 -2.28 -16.22
CA ASN A 315 -10.37 -1.27 -15.15
C ASN A 315 -11.79 -1.09 -14.60
N GLU A 316 -12.23 -2.15 -13.93
CA GLU A 316 -13.56 -2.30 -13.36
C GLU A 316 -13.46 -2.88 -11.98
N ARG A 317 -14.46 -2.58 -11.15
CA ARG A 317 -14.44 -2.99 -9.75
CA ARG A 317 -14.44 -2.98 -9.74
C ARG A 317 -14.34 -4.50 -9.55
N GLU A 318 -15.26 -5.27 -10.15
CA GLU A 318 -15.29 -6.72 -9.91
C GLU A 318 -13.98 -7.41 -10.36
N ALA A 319 -13.54 -7.11 -11.58
CA ALA A 319 -12.35 -7.70 -12.12
C ALA A 319 -11.13 -7.31 -11.30
N SER A 320 -11.04 -6.05 -10.90
CA SER A 320 -9.89 -5.58 -10.09
C SER A 320 -9.83 -6.28 -8.75
N MET A 321 -10.97 -6.43 -8.08
CA MET A 321 -11.01 -7.08 -6.77
C MET A 321 -10.60 -8.55 -6.87
N ARG A 322 -11.07 -9.21 -7.92
CA ARG A 322 -10.88 -10.65 -8.07
C ARG A 322 -9.49 -11.00 -8.61
N ASP A 323 -9.00 -10.21 -9.56
CA ASP A 323 -7.84 -10.60 -10.38
C ASP A 323 -6.55 -9.83 -10.12
N LEU A 324 -6.63 -8.73 -9.38
CA LEU A 324 -5.47 -7.88 -9.18
C LEU A 324 -5.09 -7.85 -7.70
N SER A 325 -4.67 -9.01 -7.19
CA SER A 325 -4.41 -9.16 -5.77
C SER A 325 -3.42 -10.28 -5.49
N PRO A 326 -2.78 -10.24 -4.31
CA PRO A 326 -1.97 -11.37 -3.90
C PRO A 326 -2.74 -12.70 -3.81
N ALA A 327 -3.99 -12.67 -3.38
CA ALA A 327 -4.79 -13.90 -3.34
C ALA A 327 -4.86 -14.59 -4.69
N LYS A 328 -4.99 -13.82 -5.78
CA LYS A 328 -5.04 -14.39 -7.13
C LYS A 328 -3.69 -14.85 -7.65
N VAL A 329 -2.66 -14.06 -7.37
CA VAL A 329 -1.37 -14.19 -8.07
C VAL A 329 -0.40 -15.13 -7.38
N THR A 330 -0.49 -15.26 -6.07
CA THR A 330 0.52 -16.00 -5.31
C THR A 330 0.73 -17.39 -5.89
N GLY A 331 2.00 -17.75 -6.11
CA GLY A 331 2.33 -19.06 -6.60
C GLY A 331 2.16 -19.27 -8.09
N THR A 332 1.84 -18.21 -8.82
CA THR A 332 1.69 -18.27 -10.26
C THR A 332 2.70 -17.39 -10.97
N LEU A 333 2.83 -17.64 -12.27
CA LEU A 333 3.72 -16.89 -13.14
C LEU A 333 3.03 -15.72 -13.83
N SER A 334 1.77 -15.49 -13.49
CA SER A 334 1.00 -14.41 -14.11
CA SER A 334 1.01 -14.40 -14.12
C SER A 334 1.36 -13.07 -13.47
N VAL A 335 1.45 -12.02 -14.28
CA VAL A 335 1.75 -10.67 -13.78
C VAL A 335 0.65 -9.73 -14.24
N PRO A 336 -0.44 -9.66 -13.49
CA PRO A 336 -1.52 -8.73 -13.85
C PRO A 336 -1.15 -7.26 -13.65
N VAL A 337 -1.66 -6.43 -14.57
CA VAL A 337 -1.61 -4.98 -14.42
C VAL A 337 -2.99 -4.46 -14.76
N GLY A 338 -3.45 -3.51 -13.97
CA GLY A 338 -4.76 -2.89 -14.20
C GLY A 338 -4.80 -1.50 -13.59
N ARG A 339 -6.02 -1.03 -13.29
CA ARG A 339 -6.28 0.35 -12.87
C ARG A 339 -5.62 1.34 -13.82
N LEU A 340 -5.61 1.00 -15.11
CA LEU A 340 -4.99 1.85 -16.11
C LEU A 340 -5.99 2.91 -16.60
N ARG A 341 -5.74 4.18 -16.26
CA ARG A 341 -6.55 5.29 -16.77
C ARG A 341 -5.69 6.54 -16.83
N LYS A 342 -6.16 7.57 -17.53
CA LYS A 342 -5.48 8.85 -17.52
C LYS A 342 -5.79 9.57 -16.22
N LEU A 343 -4.77 10.17 -15.65
CA LEU A 343 -4.91 10.96 -14.44
C LEU A 343 -5.34 12.41 -14.75
N ALA A 344 -5.79 13.12 -13.72
CA ALA A 344 -6.41 14.44 -13.86
C ALA A 344 -5.48 15.51 -14.47
N MET A 345 -4.18 15.35 -14.29
CA MET A 345 -3.19 16.28 -14.81
C MET A 345 -3.17 16.37 -16.33
N GLY A 346 -3.61 15.31 -17.00
CA GLY A 346 -3.68 15.33 -18.45
C GLY A 346 -3.47 13.97 -19.10
N GLY A 347 -3.62 13.97 -20.43
CA GLY A 347 -3.54 12.75 -21.22
C GLY A 347 -2.20 12.06 -21.24
N GLU A 348 -1.15 12.77 -20.84
CA GLU A 348 0.18 12.19 -20.77
C GLU A 348 0.44 11.53 -19.44
N TYR A 349 -0.50 11.60 -18.49
CA TYR A 349 -0.32 11.00 -17.16
C TYR A 349 -1.20 9.76 -17.01
N LEU A 350 -0.57 8.65 -16.66
CA LEU A 350 -1.18 7.33 -16.61
C LEU A 350 -1.03 6.69 -15.22
N SER A 351 -2.12 6.17 -14.67
CA SER A 351 -2.05 5.34 -13.46
C SER A 351 -1.91 3.85 -13.85
N ALA A 352 -1.32 3.06 -12.97
CA ALA A 352 -1.30 1.62 -13.13
C ALA A 352 -1.13 0.98 -11.77
N PHE A 353 -1.63 -0.23 -11.64
CA PHE A 353 -1.46 -1.03 -10.41
C PHE A 353 -1.12 -2.45 -10.83
N THR A 354 -0.04 -3.00 -10.29
CA THR A 354 0.38 -4.36 -10.72
C THR A 354 0.73 -5.23 -9.53
N VAL A 355 0.55 -6.54 -9.67
CA VAL A 355 0.81 -7.53 -8.61
C VAL A 355 1.63 -8.65 -9.25
N GLY A 356 2.65 -9.14 -8.56
CA GLY A 356 3.46 -10.23 -9.05
C GLY A 356 4.04 -11.05 -7.91
N ASP A 357 4.24 -12.33 -8.16
CA ASP A 357 4.85 -13.22 -7.15
C ASP A 357 6.35 -12.93 -7.02
N GLN A 358 6.79 -12.63 -5.80
CA GLN A 358 8.16 -12.23 -5.54
C GLN A 358 9.17 -13.36 -5.75
N LEU A 359 8.76 -14.59 -5.50
CA LEU A 359 9.71 -15.72 -5.56
C LEU A 359 9.90 -16.28 -6.95
N LEU A 360 8.95 -16.03 -7.85
CA LEU A 360 9.00 -16.57 -9.22
C LEU A 360 9.67 -15.53 -10.12
N TRP A 361 8.95 -14.63 -10.79
CA TRP A 361 9.60 -13.60 -11.62
C TRP A 361 10.52 -12.71 -10.82
N GLY A 362 10.25 -12.53 -9.53
CA GLY A 362 11.09 -11.69 -8.69
C GLY A 362 12.33 -12.35 -8.13
N ALA A 363 12.56 -13.63 -8.41
CA ALA A 363 13.70 -14.33 -7.84
C ALA A 363 14.15 -15.51 -8.70
N ALA A 364 13.44 -16.62 -8.65
CA ALA A 364 13.94 -17.84 -9.25
C ALA A 364 13.79 -17.92 -10.77
N GLU A 365 12.69 -17.43 -11.30
CA GLU A 365 12.40 -17.72 -12.69
C GLU A 365 13.42 -17.20 -13.71
N PRO A 366 13.91 -15.96 -13.53
CA PRO A 366 14.89 -15.48 -14.51
C PRO A 366 16.16 -16.31 -14.54
N LEU A 367 16.49 -16.93 -13.41
CA LEU A 367 17.72 -17.75 -13.32
C LEU A 367 17.63 -19.02 -14.19
N ARG A 368 16.52 -19.75 -14.06
CA ARG A 368 16.38 -20.97 -14.86
C ARG A 368 16.19 -20.64 -16.34
N ARG A 369 15.57 -19.51 -16.62
CA ARG A 369 15.43 -19.09 -18.01
C ARG A 369 16.76 -18.73 -18.62
N MET A 370 17.64 -18.12 -17.85
CA MET A 370 19.00 -17.83 -18.36
C MET A 370 19.73 -19.13 -18.69
N LEU A 371 19.56 -20.17 -17.86
CA LEU A 371 20.17 -21.46 -18.14
C LEU A 371 19.67 -21.99 -19.48
N ARG A 372 18.38 -21.85 -19.73
CA ARG A 372 17.84 -22.29 -21.02
C ARG A 372 18.45 -21.51 -22.18
N ILE A 373 18.67 -20.20 -21.99
CA ILE A 373 19.34 -19.41 -23.02
C ILE A 373 20.74 -19.97 -23.31
N LEU A 374 21.49 -20.33 -22.28
CA LEU A 374 22.83 -20.87 -22.48
C LEU A 374 22.77 -22.22 -23.21
N LEU A 375 21.74 -23.01 -22.91
CA LEU A 375 21.56 -24.31 -23.58
C LEU A 375 21.06 -24.17 -25.02
N ASP A 376 20.54 -23.00 -25.36
CA ASP A 376 19.80 -22.77 -26.61
CA ASP A 376 19.78 -22.75 -26.59
C ASP A 376 18.52 -23.62 -26.61
N GLY B 3 -25.28 27.01 28.19
CA GLY B 3 -25.63 25.57 28.41
C GLY B 3 -27.06 25.19 28.01
N SER B 4 -27.68 26.01 27.15
CA SER B 4 -29.06 25.77 26.72
C SER B 4 -29.22 25.54 25.21
N MET B 5 -28.12 25.40 24.46
CA MET B 5 -28.20 24.94 23.07
C MET B 5 -28.70 23.49 23.06
N ASN B 6 -29.81 23.24 22.35
CA ASN B 6 -30.40 21.90 22.29
C ASN B 6 -29.76 21.18 21.13
N VAL B 7 -28.97 20.13 21.42
CA VAL B 7 -28.18 19.44 20.38
C VAL B 7 -28.66 18.00 20.24
N GLY B 8 -29.23 17.65 19.09
CA GLY B 8 -29.67 16.29 18.83
C GLY B 8 -28.50 15.45 18.36
N LEU B 9 -28.40 14.23 18.86
CA LEU B 9 -27.35 13.30 18.47
C LEU B 9 -28.03 12.10 17.84
N VAL B 10 -27.71 11.82 16.58
CA VAL B 10 -28.28 10.69 15.84
C VAL B 10 -27.13 9.80 15.42
N GLY B 11 -27.32 8.48 15.52
CA GLY B 11 -26.25 7.55 15.11
C GLY B 11 -25.17 7.42 16.16
N TRP B 12 -25.46 7.85 17.37
CA TRP B 12 -24.49 7.83 18.45
C TRP B 12 -24.15 6.41 18.92
N ARG B 13 -25.00 5.42 18.59
CA ARG B 13 -24.78 4.02 19.01
C ARG B 13 -23.82 3.26 18.10
N GLY B 14 -23.69 3.73 16.86
CA GLY B 14 -22.81 3.08 15.88
C GLY B 14 -21.34 3.39 16.13
N MET B 15 -20.46 2.84 15.29
CA MET B 15 -19.03 2.94 15.56
C MET B 15 -18.51 4.39 15.55
N VAL B 16 -18.79 5.13 14.48
CA VAL B 16 -18.36 6.53 14.40
C VAL B 16 -19.01 7.33 15.55
N GLY B 17 -20.29 7.12 15.77
CA GLY B 17 -20.98 7.81 16.85
C GLY B 17 -20.40 7.52 18.22
N SER B 18 -19.96 6.29 18.43
CA SER B 18 -19.37 5.88 19.71
C SER B 18 -18.05 6.60 19.95
N VAL B 19 -17.27 6.75 18.89
CA VAL B 19 -16.04 7.50 18.99
C VAL B 19 -16.34 8.97 19.29
N LEU B 20 -17.36 9.49 18.63
CA LEU B 20 -17.80 10.86 18.89
C LEU B 20 -18.24 11.04 20.33
N MET B 21 -19.04 10.12 20.87
CA MET B 21 -19.48 10.27 22.27
C MET B 21 -18.30 10.30 23.23
N GLN B 22 -17.35 9.42 22.99
CA GLN B 22 -16.16 9.33 23.83
C GLN B 22 -15.38 10.66 23.79
N ARG B 23 -15.18 11.20 22.60
CA ARG B 23 -14.47 12.49 22.46
C ARG B 23 -15.23 13.65 23.10
N MET B 24 -16.54 13.68 22.90
CA MET B 24 -17.37 14.72 23.50
C MET B 24 -17.29 14.66 25.02
N GLN B 25 -17.33 13.45 25.58
CA GLN B 25 -17.18 13.30 27.03
C GLN B 25 -15.79 13.76 27.50
N GLU B 26 -14.75 13.32 26.81
CA GLU B 26 -13.35 13.63 27.15
C GLU B 26 -13.11 15.13 27.18
N GLU B 27 -13.71 15.84 26.23
CA GLU B 27 -13.50 17.28 26.06
C GLU B 27 -14.46 18.17 26.84
N GLY B 28 -15.41 17.56 27.55
CA GLY B 28 -16.35 18.33 28.34
C GLY B 28 -17.48 18.97 27.52
N ASP B 29 -17.70 18.49 26.30
CA ASP B 29 -18.71 19.11 25.44
C ASP B 29 -20.13 19.03 26.02
N PHE B 30 -20.45 17.97 26.76
CA PHE B 30 -21.81 17.81 27.26
C PHE B 30 -22.11 18.82 28.37
N ASP B 31 -21.10 19.38 29.01
CA ASP B 31 -21.36 20.43 30.02
C ASP B 31 -21.83 21.74 29.38
N LEU B 32 -21.64 21.88 28.07
CA LEU B 32 -21.90 23.12 27.34
C LEU B 32 -23.21 23.16 26.58
N ILE B 33 -23.94 22.03 26.56
CA ILE B 33 -25.12 21.88 25.73
C ILE B 33 -26.20 21.12 26.52
N GLU B 34 -27.41 21.09 25.96
CA GLU B 34 -28.44 20.14 26.39
C GLU B 34 -28.55 19.04 25.31
N PRO B 35 -27.99 17.86 25.59
CA PRO B 35 -27.98 16.84 24.56
C PRO B 35 -29.32 16.12 24.50
N VAL B 36 -29.76 15.82 23.29
CA VAL B 36 -31.02 15.13 23.06
C VAL B 36 -30.65 13.92 22.23
N PHE B 37 -30.87 12.71 22.77
CA PHE B 37 -30.47 11.47 22.12
C PHE B 37 -31.59 10.86 21.31
N PHE B 38 -31.31 10.62 20.04
CA PHE B 38 -32.25 10.03 19.10
C PHE B 38 -31.85 8.58 18.84
N SER B 39 -32.84 7.74 18.53
CA SER B 39 -32.56 6.37 18.16
C SER B 39 -33.52 5.90 17.06
N THR B 40 -33.02 5.01 16.21
CA THR B 40 -33.80 4.39 15.14
C THR B 40 -34.65 3.24 15.67
N SER B 41 -34.33 2.78 16.88
CA SER B 41 -35.07 1.76 17.56
CA SER B 41 -35.09 1.78 17.57
C SER B 41 -35.11 2.18 19.03
N ASN B 42 -36.04 1.64 19.77
CA ASN B 42 -36.01 1.85 21.22
CA ASN B 42 -36.13 1.82 21.20
C ASN B 42 -36.40 3.27 21.66
N ALA B 43 -37.00 4.08 20.78
CA ALA B 43 -37.49 5.38 21.20
C ALA B 43 -38.46 5.20 22.36
N GLY B 44 -38.31 6.05 23.39
CA GLY B 44 -39.03 5.90 24.67
C GLY B 44 -38.25 5.18 25.76
N GLY B 45 -37.18 4.48 25.38
CA GLY B 45 -36.23 3.91 26.35
C GLY B 45 -35.33 4.96 26.98
N LYS B 46 -34.47 4.51 27.89
CA LYS B 46 -33.60 5.42 28.67
C LYS B 46 -32.45 5.87 27.79
N ALA B 47 -32.20 7.17 27.84
CA ALA B 47 -31.04 7.75 27.18
C ALA B 47 -29.76 7.33 27.89
N PRO B 48 -28.60 7.48 27.23
CA PRO B 48 -27.34 7.16 27.86
C PRO B 48 -26.97 8.10 29.02
N SER B 49 -25.92 7.72 29.74
CA SER B 49 -25.42 8.44 30.90
C SER B 49 -25.16 9.93 30.64
N PHE B 50 -24.74 10.25 29.40
CA PHE B 50 -24.38 11.64 29.03
C PHE B 50 -25.56 12.59 29.13
N ALA B 51 -26.76 12.05 29.07
CA ALA B 51 -27.97 12.88 29.05
C ALA B 51 -28.09 13.62 30.38
N LYS B 52 -28.71 14.79 30.30
CA LYS B 52 -28.92 15.63 31.46
C LYS B 52 -30.42 15.72 31.70
N ASN B 53 -31.10 16.69 31.10
CA ASN B 53 -32.55 16.82 31.29
C ASN B 53 -33.41 15.92 30.40
N GLU B 54 -32.85 15.48 29.27
CA GLU B 54 -33.60 14.68 28.30
C GLU B 54 -33.21 13.23 28.50
N THR B 55 -33.88 12.57 29.45
CA THR B 55 -33.43 11.24 29.87
C THR B 55 -34.11 10.12 29.09
N THR B 56 -34.95 10.49 28.12
CA THR B 56 -35.64 9.52 27.27
C THR B 56 -35.18 9.65 25.83
N LEU B 57 -34.98 8.50 25.20
CA LEU B 57 -34.58 8.45 23.77
C LEU B 57 -35.73 8.94 22.89
N LYS B 58 -35.39 9.78 21.92
CA LYS B 58 -36.35 10.31 20.95
C LYS B 58 -36.28 9.50 19.65
N ASP B 59 -37.32 9.62 18.82
CA ASP B 59 -37.41 8.86 17.57
C ASP B 59 -36.61 9.59 16.47
N ALA B 60 -35.56 8.94 15.97
CA ALA B 60 -34.69 9.49 14.91
C ALA B 60 -35.43 9.90 13.63
N THR B 61 -36.59 9.33 13.35
CA THR B 61 -37.27 9.71 12.12
C THR B 61 -38.50 10.56 12.43
N SER B 62 -38.66 11.02 13.68
CA SER B 62 -39.71 11.99 14.03
C SER B 62 -39.32 13.44 13.74
N ILE B 63 -39.91 13.99 12.69
CA ILE B 63 -39.63 15.35 12.30
C ILE B 63 -39.97 16.36 13.41
N ASP B 64 -41.07 16.12 14.11
CA ASP B 64 -41.43 17.04 15.18
C ASP B 64 -40.42 17.10 16.33
N ASP B 65 -39.85 15.96 16.66
CA ASP B 65 -38.80 15.82 17.70
CA ASP B 65 -38.84 15.97 17.72
C ASP B 65 -37.50 16.47 17.22
N LEU B 66 -37.14 16.15 15.98
CA LEU B 66 -35.90 16.70 15.43
C LEU B 66 -35.95 18.23 15.34
N LYS B 67 -37.10 18.76 14.93
CA LYS B 67 -37.28 20.21 14.71
C LYS B 67 -37.05 21.08 15.96
N LYS B 68 -37.16 20.49 17.15
CA LYS B 68 -36.92 21.23 18.38
C LYS B 68 -35.44 21.49 18.67
N CYS B 69 -34.56 20.83 17.94
CA CYS B 69 -33.12 20.99 18.16
C CYS B 69 -32.55 22.20 17.45
N ASP B 70 -31.62 22.88 18.11
CA ASP B 70 -30.92 23.99 17.49
C ASP B 70 -29.83 23.50 16.53
N VAL B 71 -29.28 22.34 16.86
CA VAL B 71 -28.22 21.68 16.10
C VAL B 71 -28.53 20.19 16.12
N ILE B 72 -28.27 19.52 15.00
CA ILE B 72 -28.33 18.05 14.94
C ILE B 72 -26.96 17.58 14.44
N ILE B 73 -26.35 16.66 15.18
CA ILE B 73 -25.12 16.01 14.75
C ILE B 73 -25.48 14.57 14.45
N THR B 74 -25.29 14.16 13.19
CA THR B 74 -25.63 12.81 12.77
C THR B 74 -24.42 12.05 12.25
N CYS B 75 -24.26 10.83 12.79
CA CYS B 75 -23.32 9.82 12.30
C CYS B 75 -24.08 8.61 11.77
N GLN B 76 -25.39 8.78 11.52
CA GLN B 76 -26.23 7.65 11.12
C GLN B 76 -26.02 7.17 9.69
N GLY B 77 -25.57 8.05 8.81
CA GLY B 77 -25.24 7.69 7.42
C GLY B 77 -26.09 8.33 6.35
N GLY B 78 -25.70 8.06 5.11
CA GLY B 78 -26.32 8.71 3.97
C GLY B 78 -27.76 8.39 3.71
N ASP B 79 -28.16 7.13 3.91
CA ASP B 79 -29.55 6.78 3.68
C ASP B 79 -30.44 7.56 4.64
N TYR B 80 -29.99 7.71 5.89
CA TYR B 80 -30.73 8.45 6.89
C TYR B 80 -30.84 9.94 6.48
N THR B 81 -29.72 10.54 6.12
CA THR B 81 -29.74 11.93 5.67
C THR B 81 -30.66 12.14 4.49
N ASN B 82 -30.56 11.25 3.50
CA ASN B 82 -31.35 11.42 2.27
C ASN B 82 -32.84 11.34 2.51
N ASP B 83 -33.23 10.57 3.53
CA ASP B 83 -34.63 10.47 3.96
C ASP B 83 -35.09 11.67 4.80
N VAL B 84 -34.40 11.90 5.89
CA VAL B 84 -34.90 12.82 6.90
C VAL B 84 -34.59 14.30 6.63
N PHE B 85 -33.41 14.59 6.10
CA PHE B 85 -33.00 15.97 5.93
C PHE B 85 -33.97 16.80 5.06
N PRO B 86 -34.35 16.29 3.86
CA PRO B 86 -35.31 17.10 3.06
C PRO B 86 -36.64 17.30 3.77
N LYS B 87 -37.12 16.28 4.48
CA LYS B 87 -38.39 16.41 5.20
C LYS B 87 -38.31 17.46 6.30
N LEU B 88 -37.18 17.45 7.03
CA LEU B 88 -36.97 18.37 8.11
C LEU B 88 -36.87 19.81 7.62
N ARG B 89 -36.10 20.05 6.55
CA ARG B 89 -36.03 21.37 5.98
C ARG B 89 -37.38 21.81 5.37
N ALA B 90 -38.07 20.89 4.70
CA ALA B 90 -39.40 21.19 4.11
C ALA B 90 -40.40 21.61 5.20
N ALA B 91 -40.31 21.01 6.38
CA ALA B 91 -41.14 21.39 7.55
C ALA B 91 -40.79 22.73 8.16
N GLY B 92 -39.71 23.37 7.71
CA GLY B 92 -39.36 24.70 8.14
C GLY B 92 -38.22 24.79 9.16
N TRP B 93 -37.53 23.67 9.41
CA TRP B 93 -36.45 23.67 10.39
C TRP B 93 -35.28 24.49 9.90
N ASN B 94 -34.81 25.41 10.74
CA ASN B 94 -33.77 26.40 10.42
C ASN B 94 -32.49 26.20 11.23
N GLY B 95 -32.31 25.03 11.85
CA GLY B 95 -31.15 24.77 12.68
C GLY B 95 -29.92 24.32 11.87
N TYR B 96 -28.85 24.02 12.61
CA TYR B 96 -27.59 23.58 12.01
C TYR B 96 -27.55 22.07 11.90
N TRP B 97 -27.21 21.60 10.70
CA TRP B 97 -27.05 20.17 10.43
C TRP B 97 -25.59 19.86 10.26
N ILE B 98 -25.04 19.05 11.18
CA ILE B 98 -23.62 18.62 11.16
C ILE B 98 -23.63 17.12 10.90
N ASP B 99 -22.94 16.69 9.84
CA ASP B 99 -23.14 15.33 9.30
C ASP B 99 -21.82 14.76 8.82
N ALA B 100 -21.58 13.48 9.12
CA ALA B 100 -20.42 12.77 8.60
C ALA B 100 -20.61 12.24 7.16
N ALA B 101 -21.87 12.08 6.75
CA ALA B 101 -22.20 11.39 5.50
C ALA B 101 -21.84 12.22 4.28
N SER B 102 -21.62 11.54 3.16
CA SER B 102 -21.27 12.22 1.92
C SER B 102 -22.41 12.96 1.25
N SER B 103 -23.65 12.66 1.64
CA SER B 103 -24.83 13.06 0.88
C SER B 103 -24.85 14.52 0.48
N LEU B 104 -24.61 15.41 1.43
CA LEU B 104 -24.73 16.85 1.22
C LEU B 104 -23.42 17.55 0.90
N ARG B 105 -22.31 16.81 0.87
CA ARG B 105 -20.99 17.48 0.72
C ARG B 105 -20.88 18.46 -0.44
N MET B 106 -21.41 18.07 -1.60
CA MET B 106 -21.22 18.87 -2.81
C MET B 106 -22.36 19.84 -3.12
N LYS B 107 -23.31 19.96 -2.20
CA LYS B 107 -24.41 20.92 -2.37
C LYS B 107 -23.91 22.34 -2.23
N ASP B 108 -24.49 23.27 -3.01
CA ASP B 108 -24.07 24.67 -2.96
C ASP B 108 -24.38 25.37 -1.64
N ASP B 109 -25.34 24.84 -0.86
CA ASP B 109 -25.65 25.41 0.44
C ASP B 109 -25.09 24.60 1.61
N ALA B 110 -24.00 23.87 1.34
CA ALA B 110 -23.27 23.14 2.39
C ALA B 110 -21.78 23.47 2.30
N VAL B 111 -21.12 23.45 3.44
CA VAL B 111 -19.66 23.60 3.55
C VAL B 111 -19.07 22.27 4.01
N ILE B 112 -17.92 21.87 3.45
CA ILE B 112 -17.22 20.70 3.94
C ILE B 112 -16.26 21.19 5.01
N ILE B 113 -16.32 20.58 6.19
CA ILE B 113 -15.65 21.14 7.37
C ILE B 113 -14.36 20.40 7.77
N LEU B 114 -13.28 21.16 7.89
CA LEU B 114 -12.04 20.63 8.44
C LEU B 114 -11.32 21.85 9.02
N ASP B 115 -11.80 22.30 10.17
CA ASP B 115 -11.44 23.63 10.63
C ASP B 115 -9.93 23.94 10.83
N PRO B 116 -9.08 22.93 11.17
CA PRO B 116 -7.64 23.29 11.22
C PRO B 116 -7.07 23.66 9.87
N VAL B 117 -7.80 23.35 8.80
CA VAL B 117 -7.40 23.65 7.44
C VAL B 117 -8.23 24.77 6.82
N ASN B 118 -9.54 24.84 7.11
CA ASN B 118 -10.42 25.79 6.45
C ASN B 118 -11.35 26.56 7.36
N LEU B 119 -10.87 26.89 8.56
CA LEU B 119 -11.66 27.70 9.50
C LEU B 119 -12.23 28.97 8.84
N ASN B 120 -11.42 29.61 7.99
CA ASN B 120 -11.83 30.79 7.23
C ASN B 120 -13.04 30.50 6.33
N VAL B 121 -13.00 29.39 5.59
CA VAL B 121 -14.13 29.01 4.73
C VAL B 121 -15.37 28.79 5.60
N ILE B 122 -15.21 28.16 6.76
CA ILE B 122 -16.34 27.91 7.70
C ILE B 122 -16.94 29.21 8.25
N LYS B 123 -16.08 30.10 8.72
CA LYS B 123 -16.52 31.37 9.31
C LYS B 123 -17.21 32.28 8.31
N ASP B 124 -16.69 32.34 7.07
CA ASP B 124 -17.33 33.13 6.00
C ASP B 124 -18.72 32.57 5.68
N ALA B 125 -18.83 31.25 5.67
CA ALA B 125 -20.10 30.60 5.35
C ALA B 125 -21.13 30.85 6.46
N LEU B 126 -20.69 30.85 7.70
CA LEU B 126 -21.60 31.10 8.82
C LEU B 126 -22.18 32.51 8.74
N VAL B 127 -21.35 33.47 8.35
CA VAL B 127 -21.82 34.85 8.17
C VAL B 127 -22.77 34.92 6.98
N ASN B 128 -22.47 34.18 5.90
CA ASN B 128 -23.35 34.13 4.72
C ASN B 128 -24.67 33.35 4.94
N GLY B 129 -24.90 32.83 6.14
CA GLY B 129 -26.17 32.14 6.47
C GLY B 129 -26.22 30.63 6.20
N THR B 130 -25.06 30.03 5.94
CA THR B 130 -24.99 28.59 5.68
C THR B 130 -25.36 27.81 6.96
N LYS B 131 -26.12 26.71 6.80
CA LYS B 131 -26.68 25.93 7.91
CA LYS B 131 -26.61 25.95 7.95
C LYS B 131 -26.24 24.47 7.89
N ASN B 132 -25.56 24.05 6.81
CA ASN B 132 -25.17 22.65 6.61
C ASN B 132 -23.65 22.53 6.60
N PHE B 133 -23.12 21.71 7.51
CA PHE B 133 -21.69 21.59 7.75
C PHE B 133 -21.34 20.11 7.77
N ILE B 134 -20.62 19.68 6.75
CA ILE B 134 -20.49 18.26 6.44
C ILE B 134 -19.02 17.83 6.51
N GLY B 135 -18.73 16.78 7.26
CA GLY B 135 -17.36 16.24 7.30
C GLY B 135 -17.00 15.71 5.93
N GLY B 136 -15.72 15.83 5.58
CA GLY B 136 -15.20 15.35 4.30
C GLY B 136 -14.86 13.87 4.33
N ASN B 137 -14.53 13.32 3.17
CA ASN B 137 -14.10 11.94 3.13
C ASN B 137 -12.85 11.77 3.98
N CYS B 138 -12.78 10.63 4.65
CA CYS B 138 -11.65 10.37 5.51
C CYS B 138 -10.29 10.53 4.82
N THR B 139 -10.17 10.06 3.57
CA THR B 139 -8.89 10.18 2.83
C THR B 139 -8.44 11.65 2.68
N VAL B 140 -9.38 12.51 2.32
CA VAL B 140 -9.10 13.92 2.07
C VAL B 140 -8.80 14.68 3.34
N SER B 141 -9.60 14.43 4.38
CA SER B 141 -9.41 15.05 5.69
CA SER B 141 -9.38 15.12 5.64
C SER B 141 -8.02 14.72 6.22
N LEU B 142 -7.67 13.44 6.18
CA LEU B 142 -6.34 13.01 6.68
C LEU B 142 -5.18 13.53 5.85
N MET B 143 -5.34 13.58 4.53
CA MET B 143 -4.29 14.13 3.68
C MET B 143 -4.09 15.61 4.01
N LEU B 144 -5.17 16.38 4.12
CA LEU B 144 -5.05 17.80 4.34
C LEU B 144 -4.57 18.16 5.76
N MET B 145 -4.88 17.32 6.75
CA MET B 145 -4.32 17.53 8.10
C MET B 145 -2.81 17.43 8.09
N ALA B 146 -2.26 16.60 7.19
CA ALA B 146 -0.84 16.43 7.03
C ALA B 146 -0.17 17.46 6.12
N LEU B 147 -0.80 17.71 4.96
CA LEU B 147 -0.17 18.48 3.88
CA LEU B 147 -0.16 18.46 3.89
C LEU B 147 -0.74 19.89 3.69
N GLY B 148 -1.71 20.26 4.52
CA GLY B 148 -2.40 21.54 4.43
C GLY B 148 -1.52 22.77 4.37
N GLY B 149 -0.39 22.76 5.07
CA GLY B 149 0.54 23.88 5.00
C GLY B 149 1.00 24.20 3.57
N LEU B 150 1.26 23.19 2.74
CA LEU B 150 1.70 23.42 1.37
C LEU B 150 0.58 24.03 0.55
N PHE B 151 -0.66 23.58 0.77
CA PHE B 151 -1.80 24.19 0.07
C PHE B 151 -2.02 25.63 0.52
N ARG B 152 -1.90 25.88 1.81
CA ARG B 152 -2.07 27.23 2.37
C ARG B 152 -1.09 28.23 1.76
N GLU B 153 0.14 27.78 1.47
CA GLU B 153 1.17 28.63 0.87
C GLU B 153 1.09 28.68 -0.66
N ASN B 154 0.03 28.06 -1.20
CA ASN B 154 -0.19 28.03 -2.65
CA ASN B 154 -0.22 27.96 -2.65
C ASN B 154 0.95 27.41 -3.42
N LEU B 155 1.57 26.37 -2.86
CA LEU B 155 2.73 25.77 -3.48
C LEU B 155 2.44 24.53 -4.32
N VAL B 156 1.22 23.99 -4.29
CA VAL B 156 0.94 22.68 -4.94
C VAL B 156 0.38 22.86 -6.34
N ASP B 157 1.09 22.32 -7.33
CA ASP B 157 0.67 22.26 -8.72
CA ASP B 157 0.59 22.29 -8.71
C ASP B 157 -0.35 21.11 -8.86
N TRP B 158 0.05 19.92 -8.41
CA TRP B 158 -0.81 18.73 -8.44
C TRP B 158 -0.27 17.68 -7.49
N MET B 159 -1.08 16.66 -7.19
CA MET B 159 -0.69 15.58 -6.29
CA MET B 159 -0.61 15.54 -6.39
C MET B 159 -1.34 14.26 -6.76
N THR B 160 -0.57 13.17 -6.78
CA THR B 160 -1.18 11.87 -6.79
C THR B 160 -1.02 11.20 -5.43
N ALA B 161 -2.07 10.48 -4.99
CA ALA B 161 -2.08 9.76 -3.73
C ALA B 161 -2.39 8.29 -3.99
N MET B 162 -1.49 7.43 -3.54
CA MET B 162 -1.73 5.98 -3.57
C MET B 162 -1.97 5.60 -2.14
N THR B 163 -3.17 5.09 -1.85
CA THR B 163 -3.53 4.89 -0.46
C THR B 163 -3.45 3.45 0.02
N TYR B 164 -3.43 3.33 1.34
CA TYR B 164 -3.30 2.06 2.07
C TYR B 164 -4.39 2.16 3.13
N GLN B 165 -5.62 1.80 2.76
CA GLN B 165 -6.78 2.14 3.61
C GLN B 165 -7.23 1.02 4.54
N ALA B 166 -7.59 1.41 5.74
CA ALA B 166 -8.03 0.47 6.80
C ALA B 166 -9.48 0.02 6.63
N ALA B 167 -9.78 -1.07 7.32
CA ALA B 167 -11.08 -1.70 7.31
C ALA B 167 -12.17 -0.83 7.92
N SER B 168 -11.81 0.06 8.84
CA SER B 168 -12.83 0.83 9.56
C SER B 168 -13.67 1.68 8.64
N GLY B 169 -13.07 2.15 7.54
CA GLY B 169 -13.82 2.92 6.56
C GLY B 169 -14.98 2.19 5.96
N ALA B 170 -14.89 0.87 5.90
CA ALA B 170 -15.99 0.03 5.41
C ALA B 170 -17.01 -0.36 6.50
N GLY B 171 -16.61 -0.30 7.78
CA GLY B 171 -17.52 -0.54 8.91
C GLY B 171 -17.03 -1.58 9.90
N ALA B 172 -17.73 -1.68 11.02
CA ALA B 172 -17.37 -2.57 12.12
C ALA B 172 -17.34 -4.02 11.68
N GLN B 173 -18.30 -4.44 10.88
CA GLN B 173 -18.35 -5.84 10.46
C GLN B 173 -17.19 -6.20 9.55
N ASN B 174 -16.72 -5.21 8.78
CA ASN B 174 -15.50 -5.40 8.00
C ASN B 174 -14.22 -5.56 8.83
N MET B 175 -14.11 -4.78 9.90
CA MET B 175 -13.03 -4.93 10.87
C MET B 175 -13.05 -6.32 11.46
N ARG B 176 -14.22 -6.76 11.90
CA ARG B 176 -14.35 -8.10 12.47
C ARG B 176 -13.92 -9.17 11.45
N GLU B 177 -14.32 -9.01 10.19
CA GLU B 177 -13.94 -9.98 9.16
C GLU B 177 -12.44 -10.00 8.92
N LEU B 178 -11.81 -8.83 8.90
CA LEU B 178 -10.36 -8.80 8.79
C LEU B 178 -9.70 -9.65 9.88
N LEU B 179 -10.13 -9.47 11.13
CA LEU B 179 -9.51 -10.17 12.24
C LEU B 179 -9.81 -11.68 12.16
N ALA B 180 -11.03 -12.03 11.74
CA ALA B 180 -11.38 -13.43 11.56
C ALA B 180 -10.49 -14.07 10.48
N GLN B 181 -10.23 -13.32 9.41
CA GLN B 181 -9.38 -13.81 8.34
C GLN B 181 -7.97 -14.06 8.85
N MET B 182 -7.46 -13.16 9.69
CA MET B 182 -6.15 -13.38 10.31
C MET B 182 -6.09 -14.72 11.07
N GLY B 183 -7.18 -15.03 11.76
CA GLY B 183 -7.32 -16.31 12.41
C GLY B 183 -7.29 -17.50 11.47
N THR B 184 -8.01 -17.40 10.38
CA THR B 184 -8.01 -18.47 9.36
C THR B 184 -6.60 -18.73 8.84
N LEU B 185 -5.88 -17.68 8.54
CA LEU B 185 -4.53 -17.87 7.99
C LEU B 185 -3.55 -18.42 9.03
N ASN B 186 -3.56 -17.85 10.23
CA ASN B 186 -2.67 -18.35 11.28
C ASN B 186 -3.05 -19.77 11.69
N GLY B 187 -4.35 -20.03 11.81
CA GLY B 187 -4.80 -21.34 12.21
C GLY B 187 -4.39 -22.46 11.27
N ALA B 188 -4.25 -22.13 10.01
CA ALA B 188 -3.87 -23.11 9.01
C ALA B 188 -2.45 -23.61 9.20
N VAL B 189 -1.65 -22.89 9.96
CA VAL B 189 -0.24 -23.21 10.13
C VAL B 189 0.26 -23.09 11.56
N ALA B 190 -0.65 -23.02 12.54
CA ALA B 190 -0.22 -22.83 13.92
C ALA B 190 0.79 -23.87 14.41
N ALA B 191 0.56 -25.15 14.13
CA ALA B 191 1.50 -26.21 14.53
C ALA B 191 2.84 -26.10 13.81
N GLN B 192 2.80 -25.72 12.54
CA GLN B 192 4.02 -25.59 11.76
C GLN B 192 4.84 -24.42 12.26
N LEU B 193 4.19 -23.30 12.62
CA LEU B 193 4.93 -22.15 13.14
C LEU B 193 5.63 -22.50 14.44
N ALA B 194 5.03 -23.39 15.26
CA ALA B 194 5.57 -23.78 16.55
C ALA B 194 6.72 -24.77 16.41
N ASP B 195 6.91 -25.30 15.20
CA ASP B 195 7.97 -26.27 14.92
C ASP B 195 9.10 -25.59 14.15
N PRO B 196 10.23 -25.34 14.82
CA PRO B 196 11.35 -24.68 14.13
C PRO B 196 11.82 -25.40 12.86
N ALA B 197 11.59 -26.72 12.77
CA ALA B 197 12.04 -27.55 11.65
C ALA B 197 11.09 -27.58 10.45
N SER B 198 9.93 -26.94 10.55
CA SER B 198 8.96 -27.01 9.46
C SER B 198 9.44 -26.20 8.23
N ALA B 199 8.94 -26.59 7.07
CA ALA B 199 9.42 -26.04 5.79
C ALA B 199 8.60 -24.84 5.38
N ILE B 200 9.25 -23.75 5.02
CA ILE B 200 8.53 -22.52 4.67
C ILE B 200 7.58 -22.71 3.50
N LEU B 201 7.97 -23.51 2.51
CA LEU B 201 7.09 -23.66 1.34
C LEU B 201 5.84 -24.49 1.69
N ASP B 202 5.93 -25.33 2.72
CA ASP B 202 4.73 -26.01 3.25
C ASP B 202 3.82 -25.00 3.95
N ILE B 203 4.41 -24.16 4.81
CA ILE B 203 3.66 -23.09 5.47
C ILE B 203 2.96 -22.22 4.41
N ASP B 204 3.71 -21.79 3.40
CA ASP B 204 3.15 -20.96 2.34
C ASP B 204 1.99 -21.63 1.59
N ARG B 205 2.14 -22.92 1.29
CA ARG B 205 1.10 -23.66 0.60
C ARG B 205 -0.18 -23.67 1.45
N ARG B 206 -0.01 -23.95 2.73
CA ARG B 206 -1.14 -24.09 3.64
CA ARG B 206 -1.15 -24.09 3.63
C ARG B 206 -1.89 -22.77 3.83
N VAL B 207 -1.15 -21.68 3.95
CA VAL B 207 -1.76 -20.38 4.08
C VAL B 207 -2.57 -20.02 2.83
N LEU B 208 -1.98 -20.23 1.64
CA LEU B 208 -2.73 -19.90 0.40
C LEU B 208 -4.00 -20.75 0.27
N ALA B 209 -3.90 -22.03 0.59
CA ALA B 209 -5.05 -22.94 0.54
C ALA B 209 -6.16 -22.47 1.48
N ALA B 210 -5.78 -21.97 2.65
CA ALA B 210 -6.76 -21.43 3.60
C ALA B 210 -7.35 -20.11 3.08
N MET B 211 -6.48 -19.23 2.58
CA MET B 211 -6.89 -17.93 2.06
C MET B 211 -7.96 -18.04 0.99
N ASN B 212 -7.79 -19.01 0.10
CA ASN B 212 -8.66 -19.12 -1.07
C ASN B 212 -9.69 -20.22 -0.93
N GLY B 213 -9.72 -20.86 0.24
CA GLY B 213 -10.70 -21.90 0.54
C GLY B 213 -12.03 -21.43 1.05
N ASP B 214 -12.92 -22.39 1.23
CA ASP B 214 -14.30 -22.14 1.63
C ASP B 214 -14.44 -21.52 3.02
N ALA B 215 -13.55 -21.88 3.94
CA ALA B 215 -13.66 -21.42 5.33
C ALA B 215 -13.22 -19.97 5.53
N MET B 216 -12.50 -19.38 4.58
CA MET B 216 -12.10 -17.97 4.73
C MET B 216 -13.33 -17.07 4.71
N PRO B 217 -13.53 -16.26 5.77
CA PRO B 217 -14.78 -15.47 5.78
C PRO B 217 -14.62 -14.25 4.89
N THR B 218 -15.39 -14.18 3.82
CA THR B 218 -15.28 -13.09 2.86
C THR B 218 -16.59 -12.38 2.54
N SER B 219 -17.63 -12.59 3.35
CA SER B 219 -18.94 -12.01 3.00
C SER B 219 -18.94 -10.48 3.00
N GLN B 220 -18.10 -9.88 3.84
CA GLN B 220 -18.09 -8.41 3.96
C GLN B 220 -17.25 -7.71 2.92
N PHE B 221 -16.05 -8.21 2.67
CA PHE B 221 -15.19 -7.61 1.63
C PHE B 221 -15.41 -8.18 0.23
N GLY B 222 -15.94 -9.39 0.14
CA GLY B 222 -16.10 -10.11 -1.12
C GLY B 222 -14.92 -10.98 -1.51
N VAL B 223 -13.76 -10.69 -0.91
CA VAL B 223 -12.48 -11.29 -1.26
C VAL B 223 -11.60 -11.24 0.02
N PRO B 224 -10.48 -11.96 0.03
CA PRO B 224 -9.58 -11.85 1.18
C PRO B 224 -9.00 -10.45 1.33
N LEU B 225 -8.87 -10.00 2.58
CA LEU B 225 -8.10 -8.79 2.89
C LEU B 225 -6.83 -9.15 3.66
N ALA B 226 -6.94 -9.95 4.73
CA ALA B 226 -5.74 -10.42 5.44
C ALA B 226 -4.88 -11.17 4.47
N GLY B 227 -3.59 -10.83 4.46
CA GLY B 227 -2.66 -11.47 3.53
C GLY B 227 -2.74 -10.95 2.11
N SER B 228 -3.60 -9.97 1.85
CA SER B 228 -3.84 -9.53 0.48
C SER B 228 -4.05 -8.01 0.46
N LEU B 229 -4.70 -7.51 -0.59
CA LEU B 229 -5.12 -6.13 -0.71
C LEU B 229 -6.25 -6.07 -1.72
N ILE B 230 -6.94 -4.94 -1.77
CA ILE B 230 -8.13 -4.78 -2.64
C ILE B 230 -8.02 -3.43 -3.35
N PRO B 231 -7.63 -3.43 -4.63
CA PRO B 231 -7.36 -2.14 -5.33
C PRO B 231 -8.59 -1.48 -5.94
N TRP B 232 -9.69 -1.48 -5.18
CA TRP B 232 -10.88 -0.72 -5.52
C TRP B 232 -11.67 -0.52 -4.26
N ILE B 233 -12.07 0.72 -4.03
CA ILE B 233 -12.88 1.12 -2.91
C ILE B 233 -14.06 1.96 -3.41
N ASP B 234 -15.25 1.59 -2.93
CA ASP B 234 -16.53 2.27 -3.24
C ASP B 234 -16.97 2.03 -4.71
N LYS B 235 -18.00 2.75 -5.13
CA LYS B 235 -18.68 2.50 -6.38
C LYS B 235 -17.77 2.62 -7.60
N ASP B 236 -18.07 1.81 -8.62
CA ASP B 236 -17.41 1.90 -9.89
C ASP B 236 -18.12 2.97 -10.72
N LEU B 237 -17.42 4.04 -11.07
CA LEU B 237 -18.04 5.13 -11.84
C LEU B 237 -18.14 4.83 -13.33
N GLY B 238 -17.63 3.68 -13.76
CA GLY B 238 -17.78 3.24 -15.15
C GLY B 238 -16.73 3.76 -16.12
N ASN B 239 -15.76 4.50 -15.61
CA ASN B 239 -14.75 5.15 -16.41
C ASN B 239 -13.33 4.87 -15.89
N GLY B 240 -13.18 3.79 -15.12
CA GLY B 240 -11.87 3.41 -14.60
C GLY B 240 -11.50 4.08 -13.29
N MET B 241 -12.43 4.88 -12.75
CA MET B 241 -12.24 5.59 -11.50
C MET B 241 -13.25 5.08 -10.48
N SER B 242 -12.79 4.88 -9.23
CA SER B 242 -13.71 4.59 -8.14
C SER B 242 -14.26 5.86 -7.53
N ARG B 243 -15.40 5.73 -6.87
CA ARG B 243 -15.97 6.91 -6.19
C ARG B 243 -15.00 7.41 -5.11
N GLU B 244 -14.27 6.51 -4.45
CA GLU B 244 -13.30 6.94 -3.43
C GLU B 244 -12.23 7.86 -4.04
N GLU B 245 -11.76 7.49 -5.23
CA GLU B 245 -10.74 8.25 -5.91
C GLU B 245 -11.27 9.61 -6.38
N TRP B 246 -12.52 9.61 -6.85
CA TRP B 246 -13.17 10.85 -7.28
C TRP B 246 -13.29 11.87 -6.17
N LYS B 247 -13.49 11.42 -4.94
CA LYS B 247 -13.63 12.32 -3.79
CA LYS B 247 -13.68 12.34 -3.82
C LYS B 247 -12.40 13.15 -3.55
N GLY B 248 -11.23 12.60 -3.85
CA GLY B 248 -9.97 13.29 -3.64
C GLY B 248 -9.93 14.68 -4.24
N GLY B 249 -10.14 14.79 -5.55
CA GLY B 249 -10.11 16.08 -6.21
C GLY B 249 -11.33 16.93 -5.90
N ALA B 250 -12.51 16.32 -5.87
CA ALA B 250 -13.73 17.09 -5.69
C ALA B 250 -13.73 17.75 -4.32
N GLU B 251 -13.45 16.96 -3.29
CA GLU B 251 -13.50 17.49 -1.92
C GLU B 251 -12.30 18.32 -1.56
N THR B 252 -11.11 18.00 -2.04
CA THR B 252 -9.98 18.86 -1.75
C THR B 252 -10.23 20.30 -2.22
N ASN B 253 -10.69 20.43 -3.45
CA ASN B 253 -10.90 21.75 -3.99
C ASN B 253 -12.03 22.50 -3.29
N LYS B 254 -13.08 21.79 -2.92
CA LYS B 254 -14.21 22.44 -2.23
C LYS B 254 -13.77 22.88 -0.81
N ILE B 255 -13.04 22.04 -0.07
CA ILE B 255 -12.60 22.37 1.29
C ILE B 255 -11.78 23.63 1.25
N LEU B 256 -10.89 23.73 0.26
CA LEU B 256 -9.95 24.85 0.16
C LEU B 256 -10.57 26.09 -0.49
N GLY B 257 -11.84 26.02 -0.88
CA GLY B 257 -12.51 27.13 -1.55
C GLY B 257 -12.01 27.49 -2.95
N LYS B 258 -11.50 26.50 -3.66
CA LYS B 258 -10.98 26.64 -5.02
C LYS B 258 -12.06 26.31 -6.03
N PRO B 259 -11.83 26.69 -7.31
CA PRO B 259 -12.72 26.26 -8.37
C PRO B 259 -12.83 24.74 -8.46
N ALA B 260 -13.89 24.26 -9.08
CA ALA B 260 -14.10 22.86 -9.18
C ALA B 260 -12.99 22.21 -9.94
N MET B 261 -12.75 20.98 -9.54
CA MET B 261 -11.82 20.15 -10.17
C MET B 261 -11.93 20.17 -11.72
N GLY B 262 -10.82 20.46 -12.38
CA GLY B 262 -10.76 20.52 -13.84
C GLY B 262 -10.87 21.94 -14.37
N GLU B 263 -11.20 22.91 -13.51
CA GLU B 263 -11.35 24.30 -13.93
C GLU B 263 -10.10 25.09 -13.57
N PRO B 264 -9.86 26.21 -14.26
CA PRO B 264 -8.64 26.95 -13.93
C PRO B 264 -8.62 27.45 -12.46
N GLY B 265 -7.47 27.25 -11.79
CA GLY B 265 -7.35 27.61 -10.38
C GLY B 265 -7.53 26.44 -9.42
N SER B 266 -8.11 25.34 -9.92
CA SER B 266 -8.21 24.15 -9.11
C SER B 266 -6.88 23.45 -9.04
N VAL B 267 -6.74 22.59 -8.02
CA VAL B 267 -5.57 21.73 -7.86
CA VAL B 267 -5.56 21.75 -7.89
C VAL B 267 -5.92 20.28 -8.20
N PRO B 268 -5.30 19.70 -9.25
CA PRO B 268 -5.56 18.27 -9.51
C PRO B 268 -5.05 17.38 -8.36
N VAL B 269 -5.94 16.56 -7.81
CA VAL B 269 -5.62 15.55 -6.83
C VAL B 269 -6.25 14.30 -7.38
N ASP B 270 -5.45 13.24 -7.55
CA ASP B 270 -5.94 12.00 -8.16
C ASP B 270 -5.07 10.86 -7.64
N GLY B 271 -5.41 9.64 -8.00
CA GLY B 271 -4.63 8.49 -7.58
C GLY B 271 -5.48 7.25 -7.48
N LEU B 272 -4.96 6.28 -6.75
CA LEU B 272 -5.59 4.96 -6.59
C LEU B 272 -5.81 4.69 -5.13
N CYS B 273 -7.01 4.24 -4.81
CA CYS B 273 -7.37 3.95 -3.41
C CYS B 273 -7.46 2.42 -3.18
N VAL B 274 -6.64 1.91 -2.28
CA VAL B 274 -6.40 0.48 -2.14
C VAL B 274 -6.61 0.11 -0.67
N ARG B 275 -7.37 -0.95 -0.39
CA ARG B 275 -7.60 -1.42 0.98
C ARG B 275 -6.48 -2.40 1.36
N ILE B 276 -5.96 -2.25 2.58
CA ILE B 276 -5.01 -3.20 3.16
C ILE B 276 -5.54 -3.68 4.52
N GLY B 277 -4.88 -4.66 5.09
CA GLY B 277 -5.33 -5.26 6.34
C GLY B 277 -4.95 -4.51 7.61
N ALA B 278 -5.39 -3.26 7.75
CA ALA B 278 -5.23 -2.45 8.94
C ALA B 278 -6.60 -2.17 9.55
N MET B 279 -6.67 -1.96 10.86
CA MET B 279 -7.95 -1.77 11.55
C MET B 279 -8.61 -0.40 11.30
N ARG B 280 -7.88 0.66 11.62
CA ARG B 280 -8.51 2.00 11.64
C ARG B 280 -7.62 3.17 11.26
N CYS B 281 -6.43 2.96 10.76
CA CYS B 281 -5.58 4.07 10.24
C CYS B 281 -5.42 3.94 8.75
N HIS B 282 -5.57 5.06 8.03
CA HIS B 282 -5.28 5.15 6.61
C HIS B 282 -3.90 5.73 6.44
N SER B 283 -3.16 5.20 5.48
CA SER B 283 -1.88 5.75 5.10
C SER B 283 -1.92 6.11 3.62
N GLN B 284 -1.11 7.09 3.24
CA GLN B 284 -1.08 7.55 1.87
C GLN B 284 0.35 7.88 1.42
N ALA B 285 0.69 7.45 0.22
CA ALA B 285 2.02 7.70 -0.40
C ALA B 285 1.79 8.66 -1.56
N LEU B 286 2.44 9.82 -1.48
CA LEU B 286 2.14 10.97 -2.33
CA LEU B 286 2.11 10.92 -2.39
C LEU B 286 3.28 11.31 -3.26
N THR B 287 2.95 11.63 -4.52
CA THR B 287 3.85 12.28 -5.47
C THR B 287 3.28 13.70 -5.60
N ILE B 288 4.06 14.71 -5.21
CA ILE B 288 3.57 16.09 -5.17
C ILE B 288 4.41 16.94 -6.12
N LYS B 289 3.78 17.60 -7.07
CA LYS B 289 4.51 18.58 -7.86
C LYS B 289 4.27 19.95 -7.26
N LEU B 290 5.34 20.61 -6.86
CA LEU B 290 5.26 21.97 -6.33
C LEU B 290 5.44 22.99 -7.46
N LYS B 291 5.01 24.22 -7.19
CA LYS B 291 5.09 25.31 -8.18
CA LYS B 291 5.09 25.29 -8.18
C LYS B 291 6.50 25.85 -8.33
N LYS B 292 7.36 25.57 -7.35
CA LYS B 292 8.76 25.93 -7.45
C LYS B 292 9.59 25.02 -6.57
N ASP B 293 10.90 25.15 -6.69
CA ASP B 293 11.84 24.33 -5.96
C ASP B 293 12.06 24.96 -4.60
N VAL B 294 11.31 24.49 -3.61
CA VAL B 294 11.40 24.99 -2.24
C VAL B 294 12.39 24.08 -1.49
N PRO B 295 13.33 24.66 -0.71
CA PRO B 295 14.23 23.81 0.07
C PRO B 295 13.50 22.90 1.03
N LEU B 296 14.02 21.69 1.20
CA LEU B 296 13.41 20.74 2.12
C LEU B 296 13.23 21.26 3.53
N ASP B 297 14.23 21.96 4.08
CA ASP B 297 14.09 22.49 5.44
C ASP B 297 12.88 23.39 5.57
N GLU B 298 12.64 24.21 4.54
CA GLU B 298 11.52 25.11 4.51
C GLU B 298 10.21 24.35 4.39
N ILE B 299 10.20 23.31 3.55
CA ILE B 299 9.00 22.46 3.45
C ILE B 299 8.66 21.84 4.80
N ASN B 300 9.66 21.33 5.52
CA ASN B 300 9.42 20.72 6.84
C ASN B 300 8.73 21.69 7.80
N GLY B 301 9.22 22.92 7.82
CA GLY B 301 8.65 23.95 8.66
C GLY B 301 7.23 24.34 8.28
N ILE B 302 6.98 24.47 6.97
CA ILE B 302 5.64 24.78 6.48
C ILE B 302 4.65 23.69 6.90
N LEU B 303 5.07 22.43 6.77
CA LEU B 303 4.21 21.32 7.13
C LEU B 303 3.98 21.25 8.64
N ALA B 304 5.06 21.31 9.42
CA ALA B 304 4.96 21.16 10.90
C ALA B 304 4.18 22.25 11.57
N SER B 305 4.25 23.47 11.05
CA SER B 305 3.58 24.60 11.71
C SER B 305 2.11 24.79 11.32
N ALA B 306 1.53 23.93 10.48
CA ALA B 306 0.25 24.25 9.88
C ALA B 306 -0.92 24.11 10.85
N ASN B 307 -0.82 23.17 11.79
CA ASN B 307 -1.86 22.94 12.77
C ASN B 307 -1.26 22.21 13.95
N ASP B 308 -2.05 22.02 14.99
CA ASP B 308 -1.56 21.48 16.25
C ASP B 308 -1.38 19.95 16.29
N TRP B 309 -1.75 19.25 15.21
CA TRP B 309 -1.78 17.77 15.21
C TRP B 309 -0.79 17.13 14.26
N VAL B 310 -0.47 17.80 13.15
CA VAL B 310 0.58 17.34 12.23
C VAL B 310 1.92 17.26 12.96
N LYS B 311 2.72 16.29 12.56
CA LYS B 311 4.12 16.32 12.91
C LYS B 311 4.90 15.79 11.76
N VAL B 312 6.13 16.27 11.63
CA VAL B 312 7.02 15.75 10.60
C VAL B 312 7.99 14.76 11.20
N VAL B 313 8.01 13.57 10.60
CA VAL B 313 8.89 12.45 11.07
C VAL B 313 10.17 12.48 10.28
N PRO B 314 11.34 12.54 10.96
CA PRO B 314 12.58 12.64 10.22
C PRO B 314 12.69 11.52 9.17
N ASN B 315 13.25 11.87 8.03
CA ASN B 315 13.29 10.93 6.91
C ASN B 315 14.46 9.98 7.02
N GLU B 316 14.34 9.11 8.02
CA GLU B 316 15.38 8.17 8.45
C GLU B 316 14.73 6.82 8.72
N ARG B 317 15.49 5.74 8.59
CA ARG B 317 14.90 4.39 8.74
CA ARG B 317 14.91 4.39 8.74
C ARG B 317 14.23 4.13 10.08
N GLU B 318 14.95 4.31 11.21
CA GLU B 318 14.39 3.93 12.48
C GLU B 318 13.15 4.74 12.82
N ALA B 319 13.25 6.05 12.66
CA ALA B 319 12.12 6.92 12.96
C ALA B 319 10.90 6.60 12.09
N SER B 320 11.17 6.33 10.81
CA SER B 320 10.07 6.04 9.90
C SER B 320 9.38 4.73 10.27
N MET B 321 10.17 3.72 10.57
CA MET B 321 9.61 2.42 10.95
C MET B 321 8.76 2.47 12.21
N ARG B 322 9.23 3.24 13.19
CA ARG B 322 8.58 3.26 14.52
CA ARG B 322 8.62 3.29 14.52
C ARG B 322 7.45 4.27 14.63
N ASP B 323 7.55 5.40 13.94
CA ASP B 323 6.60 6.49 14.13
C ASP B 323 5.61 6.72 12.99
N LEU B 324 5.82 6.14 11.81
CA LEU B 324 5.01 6.45 10.65
C LEU B 324 4.22 5.19 10.23
N SER B 325 3.30 4.80 11.10
CA SER B 325 2.59 3.53 10.94
C SER B 325 1.26 3.50 11.68
N PRO B 326 0.34 2.61 11.24
CA PRO B 326 -0.86 2.37 12.01
C PRO B 326 -0.61 1.96 13.48
N ALA B 327 0.41 1.15 13.73
CA ALA B 327 0.68 0.74 15.11
C ALA B 327 0.90 1.94 16.03
N LYS B 328 1.59 2.97 15.54
CA LYS B 328 1.87 4.15 16.34
C LYS B 328 0.72 5.16 16.44
N VAL B 329 -0.07 5.24 15.38
CA VAL B 329 -1.05 6.34 15.23
C VAL B 329 -2.46 5.96 15.67
N THR B 330 -2.81 4.68 15.60
CA THR B 330 -4.18 4.24 15.93
C THR B 330 -4.64 4.75 17.28
N GLY B 331 -5.82 5.35 17.27
CA GLY B 331 -6.45 5.83 18.48
C GLY B 331 -5.97 7.17 18.98
N THR B 332 -5.11 7.83 18.21
CA THR B 332 -4.52 9.12 18.56
C THR B 332 -4.95 10.17 17.55
N LEU B 333 -4.86 11.43 17.98
CA LEU B 333 -5.18 12.60 17.16
C LEU B 333 -3.98 13.11 16.35
N SER B 334 -2.85 12.41 16.42
CA SER B 334 -1.64 12.81 15.72
CA SER B 334 -1.65 12.82 15.72
C SER B 334 -1.71 12.44 14.25
N VAL B 335 -1.21 13.32 13.40
CA VAL B 335 -1.17 13.07 11.94
C VAL B 335 0.26 13.24 11.42
N PRO B 336 1.09 12.19 11.56
CA PRO B 336 2.47 12.30 11.13
C PRO B 336 2.57 12.27 9.62
N VAL B 337 3.54 13.01 9.11
CA VAL B 337 3.95 12.94 7.71
C VAL B 337 5.45 12.82 7.68
N GLY B 338 5.94 11.98 6.77
CA GLY B 338 7.37 11.75 6.63
C GLY B 338 7.71 11.29 5.24
N ARG B 339 8.86 10.64 5.13
CA ARG B 339 9.44 10.24 3.84
C ARG B 339 9.49 11.40 2.87
N LEU B 340 9.79 12.60 3.40
CA LEU B 340 9.83 13.81 2.59
C LEU B 340 11.20 13.96 1.94
N ARG B 341 11.24 13.80 0.63
CA ARG B 341 12.48 14.10 -0.16
C ARG B 341 12.12 14.57 -1.53
N LYS B 342 13.10 15.14 -2.24
CA LYS B 342 12.91 15.44 -3.62
C LYS B 342 13.07 14.20 -4.45
N LEU B 343 12.18 14.06 -5.42
CA LEU B 343 12.19 12.90 -6.31
C LEU B 343 13.15 13.17 -7.49
N ALA B 344 13.50 12.12 -8.21
CA ALA B 344 14.57 12.18 -9.19
C ALA B 344 14.24 13.09 -10.37
N MET B 345 12.96 13.35 -10.62
CA MET B 345 12.52 14.22 -11.73
C MET B 345 12.91 15.66 -11.57
N GLY B 346 13.22 16.08 -10.35
CA GLY B 346 13.62 17.46 -10.13
C GLY B 346 13.21 18.00 -8.77
N GLY B 347 13.76 19.15 -8.42
CA GLY B 347 13.50 19.79 -7.16
C GLY B 347 12.08 20.26 -6.90
N GLU B 348 11.26 20.29 -7.95
CA GLU B 348 9.85 20.63 -7.80
C GLU B 348 9.00 19.41 -7.45
N TYR B 349 9.60 18.23 -7.39
CA TYR B 349 8.86 16.98 -7.16
C TYR B 349 9.20 16.44 -5.77
N LEU B 350 8.16 16.24 -4.97
CA LEU B 350 8.29 15.91 -3.54
C LEU B 350 7.53 14.62 -3.24
N SER B 351 8.17 13.69 -2.55
CA SER B 351 7.48 12.52 -1.99
C SER B 351 6.99 12.83 -0.62
N ALA B 352 5.96 12.11 -0.17
CA ALA B 352 5.49 12.18 1.20
C ALA B 352 4.73 10.90 1.52
N PHE B 353 4.76 10.53 2.79
CA PHE B 353 3.97 9.42 3.31
C PHE B 353 3.34 9.85 4.61
N THR B 354 2.02 9.70 4.73
CA THR B 354 1.31 10.13 5.92
C THR B 354 0.38 9.05 6.45
N VAL B 355 0.13 9.08 7.76
CA VAL B 355 -0.72 8.09 8.44
C VAL B 355 -1.64 8.85 9.39
N GLY B 356 -2.92 8.48 9.42
CA GLY B 356 -3.90 9.14 10.31
C GLY B 356 -5.01 8.16 10.68
N ASP B 357 -5.58 8.37 11.86
CA ASP B 357 -6.68 7.55 12.35
C ASP B 357 -7.96 7.94 11.63
N GLN B 358 -8.60 6.95 11.03
CA GLN B 358 -9.77 7.17 10.20
C GLN B 358 -10.98 7.59 11.01
N LEU B 359 -11.11 7.11 12.23
CA LEU B 359 -12.31 7.38 13.02
C LEU B 359 -12.25 8.76 13.72
N LEU B 360 -11.05 9.32 13.89
CA LEU B 360 -10.88 10.58 14.60
C LEU B 360 -10.92 11.76 13.61
N TRP B 361 -9.78 12.22 13.10
CA TRP B 361 -9.83 13.30 12.10
C TRP B 361 -10.57 12.88 10.84
N GLY B 362 -10.61 11.58 10.53
CA GLY B 362 -11.31 11.12 9.37
C GLY B 362 -12.82 10.91 9.53
N ALA B 363 -13.37 11.17 10.72
CA ALA B 363 -14.78 10.97 10.94
C ALA B 363 -15.34 11.85 12.08
N ALA B 364 -15.10 11.49 13.33
CA ALA B 364 -15.79 12.15 14.44
C ALA B 364 -15.27 13.55 14.78
N GLU B 365 -13.97 13.77 14.70
CA GLU B 365 -13.37 14.95 15.28
C GLU B 365 -13.84 16.26 14.66
N PRO B 366 -13.93 16.34 13.33
CA PRO B 366 -14.39 17.59 12.75
C PRO B 366 -15.80 17.94 13.18
N LEU B 367 -16.61 16.94 13.48
CA LEU B 367 -18.00 17.20 13.87
C LEU B 367 -18.11 17.89 15.24
N ARG B 368 -17.40 17.37 16.25
CA ARG B 368 -17.48 18.03 17.56
C ARG B 368 -16.79 19.38 17.52
N ARG B 369 -15.74 19.51 16.71
CA ARG B 369 -15.09 20.82 16.60
C ARG B 369 -16.02 21.86 15.97
N MET B 370 -16.85 21.43 15.02
CA MET B 370 -17.85 22.33 14.45
C MET B 370 -18.86 22.74 15.52
N LEU B 371 -19.30 21.82 16.38
CA LEU B 371 -20.17 22.19 17.52
C LEU B 371 -19.52 23.30 18.35
N ARG B 372 -18.23 23.15 18.65
CA ARG B 372 -17.51 24.16 19.44
C ARG B 372 -17.49 25.51 18.74
N ILE B 373 -17.36 25.51 17.42
CA ILE B 373 -17.41 26.76 16.65
C ILE B 373 -18.79 27.44 16.78
N LEU B 374 -19.86 26.66 16.70
CA LEU B 374 -21.21 27.20 16.90
C LEU B 374 -21.42 27.75 18.31
N LEU B 375 -20.80 27.12 19.31
CA LEU B 375 -20.89 27.58 20.69
C LEU B 375 -20.02 28.82 20.97
N ASP B 376 -19.07 29.08 20.06
CA ASP B 376 -17.99 30.05 20.29
CA ASP B 376 -18.01 30.07 20.30
C ASP B 376 -17.19 29.61 21.52
N LYS B 377 -16.81 28.32 21.54
CA LYS B 377 -16.09 27.73 22.66
C LYS B 377 -14.93 26.83 22.19
C1 EDO C . 7.39 -20.58 -18.55
O1 EDO C . 8.26 -20.85 -19.68
C2 EDO C . 8.01 -19.51 -17.63
O2 EDO C . 9.44 -19.57 -17.71
C1 EDO D . -8.68 18.60 20.75
O1 EDO D . -8.91 20.02 20.75
C2 EDO D . -8.80 18.05 19.33
O2 EDO D . -9.91 18.60 18.63
#